data_3JZ6
#
_entry.id   3JZ6
#
_cell.length_a   60.390
_cell.length_b   88.590
_cell.length_c   72.890
_cell.angle_alpha   90.000
_cell.angle_beta   105.620
_cell.angle_gamma   90.000
#
_symmetry.space_group_name_H-M   'P 1 21 1'
#
loop_
_entity.id
_entity.type
_entity.pdbx_description
1 polymer 'Branched-chain amino acid aminotransferase'
2 non-polymer "PYRIDOXAL-5'-PHOSPHATE"
3 non-polymer GLYCEROL
4 water water
#
_entity_poly.entity_id   1
_entity_poly.type   'polypeptide(L)'
_entity_poly.pdbx_seq_one_letter_code
;MAHHHHNSGPLEFTVSANTNPATDAVRESILANPGFGKYYTDHMVSIDYTVDEGWHNAQVIPYGPIQLDPSAIVLHYGQE
IFEGLKAYRWADGSIVSFRPEANAARLQSSARRLAIPELPEEVFIESLRQLIAVDEKWVPPAGGEESLYLRPFVIATEPG
LGVRPSNEYRYLLIASPAGAYFKGGIKPVSVWLSHEYVRASPGGTGAAKFGGNYAASLLAQAQAAEMGCDQVVWLDAIER
RYVEEMGGMNLFFVFGSGGSARLVTPELSGSLLPGITRDSLLQLATDAGFAVEERKIDVDEWQKKAGAGEITEVFACGTA
AVITPVSHVKHHDGEFTIADGQPGEITMALRDTLTGIQRGTFADTHGWMARLN
;
_entity_poly.pdbx_strand_id   A,B
#
loop_
_chem_comp.id
_chem_comp.type
_chem_comp.name
_chem_comp.formula
GOL non-polymer GLYCEROL 'C3 H8 O3'
PLP non-polymer PYRIDOXAL-5'-PHOSPHATE 'C8 H10 N O6 P'
#
# COMPACT_ATOMS: atom_id res chain seq x y z
N LEU A 11 3.11 30.21 -5.80
CA LEU A 11 2.47 29.32 -6.80
C LEU A 11 1.16 29.92 -7.30
N GLU A 12 1.06 30.11 -8.61
CA GLU A 12 -0.13 30.71 -9.21
C GLU A 12 -1.05 29.62 -9.77
N PHE A 13 -2.33 29.72 -9.46
CA PHE A 13 -3.31 28.75 -9.94
C PHE A 13 -4.08 29.25 -11.14
N THR A 14 -4.18 28.42 -12.17
CA THR A 14 -4.93 28.76 -13.38
C THR A 14 -6.28 28.04 -13.31
N VAL A 15 -7.34 28.70 -13.77
CA VAL A 15 -8.66 28.09 -13.71
C VAL A 15 -9.28 27.74 -15.05
N SER A 16 -9.71 26.49 -15.19
CA SER A 16 -10.35 26.00 -16.40
C SER A 16 -11.76 25.58 -16.00
N ALA A 17 -12.68 26.53 -16.03
CA ALA A 17 -14.06 26.31 -15.67
C ALA A 17 -14.70 25.08 -16.33
N ASN A 18 -15.62 24.44 -15.61
CA ASN A 18 -16.34 23.28 -16.12
C ASN A 18 -17.54 23.82 -16.91
N THR A 19 -17.55 23.59 -18.22
CA THR A 19 -18.64 24.06 -19.07
C THR A 19 -19.84 23.14 -19.03
N ASN A 20 -19.73 22.04 -18.31
CA ASN A 20 -20.85 21.09 -18.20
C ASN A 20 -21.01 20.63 -16.75
N PRO A 21 -21.13 21.58 -15.81
CA PRO A 21 -21.29 21.21 -14.39
C PRO A 21 -22.65 20.59 -14.10
N ALA A 22 -22.80 20.06 -12.90
CA ALA A 22 -24.08 19.47 -12.52
C ALA A 22 -25.13 20.57 -12.44
N THR A 23 -26.32 20.30 -12.97
CA THR A 23 -27.40 21.29 -12.93
C THR A 23 -27.74 21.61 -11.48
N ASP A 24 -28.39 22.75 -11.25
CA ASP A 24 -28.75 23.13 -9.90
C ASP A 24 -29.66 22.06 -9.28
N ALA A 25 -30.49 21.45 -10.12
CA ALA A 25 -31.41 20.42 -9.66
C ALA A 25 -30.62 19.21 -9.14
N VAL A 26 -29.67 18.74 -9.93
CA VAL A 26 -28.84 17.60 -9.54
C VAL A 26 -28.04 17.91 -8.28
N ARG A 27 -27.39 19.07 -8.26
CA ARG A 27 -26.59 19.46 -7.10
C ARG A 27 -27.45 19.48 -5.83
N GLU A 28 -28.58 20.18 -5.89
CA GLU A 28 -29.49 20.28 -4.75
C GLU A 28 -29.97 18.90 -4.32
N SER A 29 -30.20 18.03 -5.29
CA SER A 29 -30.65 16.68 -5.01
C SER A 29 -29.55 15.95 -4.22
N ILE A 30 -28.31 16.07 -4.69
CA ILE A 30 -27.18 15.45 -4.02
C ILE A 30 -27.03 15.97 -2.59
N LEU A 31 -27.13 17.28 -2.42
CA LEU A 31 -26.98 17.89 -1.09
C LEU A 31 -28.06 17.42 -0.14
N ALA A 32 -29.21 17.03 -0.68
CA ALA A 32 -30.33 16.55 0.15
C ALA A 32 -30.03 15.16 0.71
N ASN A 33 -29.41 14.31 -0.10
CA ASN A 33 -29.06 12.94 0.33
C ASN A 33 -27.68 12.62 -0.25
N PRO A 34 -26.64 13.26 0.30
CA PRO A 34 -25.26 13.07 -0.16
C PRO A 34 -24.56 11.77 0.18
N GLY A 35 -24.93 11.14 1.30
CA GLY A 35 -24.25 9.94 1.71
C GLY A 35 -22.81 10.34 2.01
N PHE A 36 -21.85 9.48 1.71
CA PHE A 36 -20.44 9.82 1.95
C PHE A 36 -19.53 9.30 0.85
N GLY A 37 -18.69 10.19 0.32
CA GLY A 37 -17.76 9.78 -0.71
C GLY A 37 -18.44 9.16 -1.92
N LYS A 38 -19.67 9.58 -2.18
CA LYS A 38 -20.43 9.07 -3.30
C LYS A 38 -20.43 10.05 -4.48
N TYR A 39 -20.70 11.32 -4.19
CA TYR A 39 -20.74 12.35 -5.22
C TYR A 39 -19.55 13.30 -5.12
N TYR A 40 -19.23 13.95 -6.23
CA TYR A 40 -18.11 14.87 -6.23
C TYR A 40 -18.50 16.20 -6.88
N THR A 41 -17.83 17.27 -6.47
CA THR A 41 -18.09 18.61 -6.98
C THR A 41 -17.72 18.72 -8.46
N ASP A 42 -18.03 19.88 -9.05
CA ASP A 42 -17.76 20.10 -10.46
C ASP A 42 -16.27 20.25 -10.80
N HIS A 43 -15.49 20.74 -9.86
CA HIS A 43 -14.06 20.91 -10.13
C HIS A 43 -13.15 20.14 -9.18
N MET A 44 -11.86 20.17 -9.49
CA MET A 44 -10.83 19.53 -8.68
C MET A 44 -9.54 20.31 -8.88
N VAL A 45 -8.63 20.24 -7.91
CA VAL A 45 -7.35 20.94 -8.01
C VAL A 45 -6.24 19.97 -8.37
N SER A 46 -5.32 20.39 -9.23
CA SER A 46 -4.21 19.56 -9.65
C SER A 46 -2.90 20.33 -9.67
N ILE A 47 -1.86 19.73 -9.11
CA ILE A 47 -0.53 20.32 -9.06
C ILE A 47 0.47 19.21 -9.37
N ASP A 48 1.34 19.45 -10.35
CA ASP A 48 2.32 18.46 -10.77
C ASP A 48 3.68 18.68 -10.12
N TYR A 49 4.47 17.62 -10.01
CA TYR A 49 5.78 17.74 -9.41
C TYR A 49 6.85 17.00 -10.19
N THR A 50 7.99 17.65 -10.39
CA THR A 50 9.14 17.07 -11.07
C THR A 50 10.35 17.54 -10.30
N VAL A 51 11.44 16.77 -10.35
CA VAL A 51 12.66 17.13 -9.63
C VAL A 51 13.20 18.49 -10.08
N ASP A 52 13.09 18.79 -11.36
CA ASP A 52 13.60 20.05 -11.89
C ASP A 52 12.73 21.27 -11.66
N GLU A 53 11.42 21.11 -11.84
CA GLU A 53 10.51 22.23 -11.66
C GLU A 53 9.80 22.25 -10.30
N GLY A 54 9.97 21.19 -9.51
CA GLY A 54 9.30 21.13 -8.22
C GLY A 54 7.80 21.20 -8.41
N TRP A 55 7.08 21.68 -7.41
CA TRP A 55 5.64 21.79 -7.54
C TRP A 55 5.30 22.92 -8.50
N HIS A 56 4.62 22.59 -9.60
CA HIS A 56 4.26 23.59 -10.59
C HIS A 56 2.95 23.23 -11.30
N ASN A 57 2.57 24.07 -12.24
CA ASN A 57 1.37 23.87 -13.03
C ASN A 57 0.13 23.66 -12.13
N ALA A 58 0.05 24.45 -11.05
CA ALA A 58 -1.07 24.36 -10.14
C ALA A 58 -2.30 24.93 -10.84
N GLN A 59 -3.36 24.13 -10.95
CA GLN A 59 -4.57 24.60 -11.60
C GLN A 59 -5.88 24.02 -11.08
N VAL A 60 -6.96 24.75 -11.35
CA VAL A 60 -8.30 24.34 -10.96
C VAL A 60 -8.95 23.89 -12.26
N ILE A 61 -9.25 22.59 -12.36
CA ILE A 61 -9.84 22.05 -13.57
C ILE A 61 -11.13 21.29 -13.28
N PRO A 62 -11.88 20.94 -14.34
CA PRO A 62 -13.13 20.20 -14.16
C PRO A 62 -12.87 18.82 -13.57
N TYR A 63 -13.81 18.33 -12.76
CA TYR A 63 -13.65 17.01 -12.18
C TYR A 63 -13.77 16.01 -13.34
N GLY A 64 -12.76 15.17 -13.52
CA GLY A 64 -12.83 14.22 -14.63
C GLY A 64 -11.75 13.16 -14.56
N PRO A 65 -11.82 12.13 -15.42
CA PRO A 65 -10.84 11.04 -15.45
C PRO A 65 -9.41 11.52 -15.45
N ILE A 66 -8.53 10.75 -14.81
CA ILE A 66 -7.11 11.06 -14.72
C ILE A 66 -6.34 10.15 -15.68
N GLN A 67 -5.28 10.69 -16.26
CA GLN A 67 -4.46 9.94 -17.21
C GLN A 67 -3.20 9.42 -16.53
N LEU A 68 -2.92 8.12 -16.67
CA LEU A 68 -1.71 7.54 -16.09
C LEU A 68 -1.04 6.53 -17.03
N ASP A 69 0.29 6.47 -16.96
CA ASP A 69 1.03 5.51 -17.78
C ASP A 69 0.84 4.16 -17.10
N PRO A 70 0.67 3.07 -17.89
CA PRO A 70 0.48 1.72 -17.35
C PRO A 70 1.54 1.33 -16.33
N SER A 71 2.75 1.86 -16.48
CA SER A 71 3.84 1.56 -15.55
C SER A 71 3.97 2.59 -14.43
N ALA A 72 2.99 3.48 -14.29
CA ALA A 72 3.05 4.48 -13.22
C ALA A 72 3.30 3.78 -11.88
N ILE A 73 4.30 4.27 -11.15
CA ILE A 73 4.67 3.70 -9.85
C ILE A 73 3.49 3.47 -8.89
N VAL A 74 2.58 4.43 -8.82
CA VAL A 74 1.44 4.28 -7.91
C VAL A 74 0.61 3.01 -8.24
N LEU A 75 0.62 2.58 -9.48
CA LEU A 75 -0.16 1.42 -9.87
C LEU A 75 0.56 0.08 -9.63
N HIS A 76 1.79 0.14 -9.15
CA HIS A 76 2.59 -1.05 -8.91
C HIS A 76 3.18 -1.14 -7.52
N TYR A 77 3.73 -0.04 -7.04
CA TYR A 77 4.37 -0.02 -5.74
C TYR A 77 3.70 0.88 -4.73
N GLY A 78 2.42 1.12 -4.94
CA GLY A 78 1.61 1.91 -4.04
C GLY A 78 2.14 3.12 -3.31
N GLN A 79 2.98 3.91 -3.97
CA GLN A 79 3.51 5.11 -3.35
C GLN A 79 2.43 6.19 -3.45
N GLU A 80 1.72 6.39 -2.34
CA GLU A 80 0.61 7.34 -2.32
C GLU A 80 0.23 7.66 -0.88
N ILE A 81 -0.33 8.84 -0.66
CA ILE A 81 -0.78 9.31 0.65
C ILE A 81 -2.02 10.20 0.48
N PHE A 82 -2.76 10.41 1.56
CA PHE A 82 -3.95 11.23 1.48
C PHE A 82 -4.30 11.91 2.79
N GLU A 83 -5.27 12.81 2.74
CA GLU A 83 -5.74 13.52 3.91
C GLU A 83 -7.25 13.57 3.86
N GLY A 84 -7.86 14.05 4.94
CA GLY A 84 -9.29 14.16 5.00
C GLY A 84 -9.68 15.22 6.02
N LEU A 85 -10.45 16.21 5.56
CA LEU A 85 -10.94 17.30 6.40
C LEU A 85 -12.26 17.79 5.80
N LYS A 86 -12.84 18.83 6.37
CA LYS A 86 -14.13 19.31 5.89
C LYS A 86 -14.25 20.83 5.77
N ALA A 87 -15.24 21.26 5.00
CA ALA A 87 -15.52 22.68 4.85
C ALA A 87 -16.97 22.84 5.32
N TYR A 88 -17.25 23.87 6.11
CA TYR A 88 -18.60 24.07 6.61
C TYR A 88 -19.09 25.46 6.25
N ARG A 89 -20.41 25.58 6.06
CA ARG A 89 -21.02 26.88 5.76
C ARG A 89 -21.61 27.43 7.06
N TRP A 90 -21.25 28.67 7.38
CA TRP A 90 -21.74 29.32 8.60
C TRP A 90 -22.94 30.25 8.34
N ALA A 91 -23.64 30.59 9.42
CA ALA A 91 -24.81 31.44 9.34
C ALA A 91 -24.54 32.76 8.64
N ASP A 92 -23.33 33.29 8.81
CA ASP A 92 -22.96 34.56 8.19
C ASP A 92 -22.60 34.39 6.72
N GLY A 93 -22.82 33.20 6.18
CA GLY A 93 -22.52 32.95 4.78
C GLY A 93 -21.07 32.60 4.49
N SER A 94 -20.21 32.69 5.50
CA SER A 94 -18.81 32.38 5.30
C SER A 94 -18.57 30.86 5.22
N ILE A 95 -17.45 30.47 4.62
CA ILE A 95 -17.11 29.06 4.49
C ILE A 95 -15.81 28.84 5.25
N VAL A 96 -15.83 27.90 6.17
CA VAL A 96 -14.66 27.61 6.99
C VAL A 96 -14.29 26.11 7.04
N SER A 97 -13.10 25.86 7.57
CA SER A 97 -12.62 24.49 7.69
C SER A 97 -12.12 24.30 9.11
N PHE A 98 -12.13 23.06 9.55
CA PHE A 98 -11.67 22.72 10.90
C PHE A 98 -10.18 22.36 10.88
N ARG A 99 -9.36 23.16 11.56
CA ARG A 99 -7.93 22.95 11.67
C ARG A 99 -7.24 22.48 10.38
N PRO A 100 -7.44 23.22 9.28
CA PRO A 100 -6.81 22.81 8.03
C PRO A 100 -5.29 22.78 8.08
N GLU A 101 -4.69 23.63 8.91
CA GLU A 101 -3.23 23.68 9.03
C GLU A 101 -2.70 22.35 9.57
N ALA A 102 -3.49 21.70 10.42
CA ALA A 102 -3.10 20.40 10.98
C ALA A 102 -3.04 19.35 9.87
N ASN A 103 -3.99 19.37 8.96
CA ASN A 103 -3.97 18.39 7.87
C ASN A 103 -2.78 18.64 6.93
N ALA A 104 -2.42 19.91 6.78
CA ALA A 104 -1.31 20.29 5.90
C ALA A 104 -0.02 19.71 6.46
N ALA A 105 0.14 19.83 7.78
CA ALA A 105 1.32 19.32 8.46
C ALA A 105 1.38 17.79 8.45
N ARG A 106 0.25 17.13 8.61
CA ARG A 106 0.22 15.67 8.61
C ARG A 106 0.48 15.09 7.21
N LEU A 107 0.09 15.83 6.18
CA LEU A 107 0.33 15.34 4.82
C LEU A 107 1.85 15.36 4.60
N GLN A 108 2.52 16.33 5.21
CA GLN A 108 3.98 16.43 5.07
C GLN A 108 4.66 15.28 5.82
N SER A 109 4.15 14.97 7.01
CA SER A 109 4.71 13.88 7.80
C SER A 109 4.46 12.55 7.09
N SER A 110 3.28 12.38 6.50
CA SER A 110 2.98 11.15 5.76
C SER A 110 3.90 11.06 4.53
N ALA A 111 4.07 12.18 3.81
CA ALA A 111 4.94 12.19 2.62
C ALA A 111 6.36 11.78 2.98
N ARG A 112 6.86 12.31 4.10
CA ARG A 112 8.21 11.95 4.52
C ARG A 112 8.37 10.45 4.74
N ARG A 113 7.40 9.82 5.42
CA ARG A 113 7.50 8.39 5.66
C ARG A 113 7.42 7.56 4.38
N LEU A 114 6.74 8.07 3.37
CA LEU A 114 6.59 7.35 2.10
C LEU A 114 7.56 7.84 1.02
N ALA A 115 8.58 8.57 1.43
CA ALA A 115 9.60 9.08 0.51
C ALA A 115 9.02 9.94 -0.59
N ILE A 116 8.03 10.77 -0.23
CA ILE A 116 7.36 11.66 -1.19
C ILE A 116 7.67 13.11 -0.84
N PRO A 117 7.93 13.95 -1.87
CA PRO A 117 8.24 15.37 -1.63
C PRO A 117 7.10 16.09 -0.90
N GLU A 118 7.46 16.83 0.13
CA GLU A 118 6.47 17.54 0.90
C GLU A 118 5.84 18.68 0.10
N LEU A 119 4.56 18.95 0.38
CA LEU A 119 3.84 20.02 -0.28
C LEU A 119 3.77 21.18 0.72
N PRO A 120 4.24 22.38 0.32
CA PRO A 120 4.20 23.56 1.21
C PRO A 120 2.82 23.75 1.81
N GLU A 121 2.77 23.99 3.11
CA GLU A 121 1.48 24.20 3.78
C GLU A 121 0.67 25.35 3.19
N GLU A 122 1.34 26.41 2.75
CA GLU A 122 0.60 27.53 2.19
C GLU A 122 -0.04 27.14 0.87
N VAL A 123 0.62 26.23 0.15
CA VAL A 123 0.10 25.73 -1.12
C VAL A 123 -1.09 24.82 -0.83
N PHE A 124 -0.96 24.03 0.24
CA PHE A 124 -2.03 23.12 0.64
C PHE A 124 -3.28 23.94 0.97
N ILE A 125 -3.12 24.94 1.83
CA ILE A 125 -4.24 25.78 2.24
C ILE A 125 -4.81 26.52 1.03
N GLU A 126 -3.94 26.98 0.15
CA GLU A 126 -4.37 27.70 -1.04
C GLU A 126 -5.19 26.79 -1.94
N SER A 127 -4.78 25.53 -2.06
CA SER A 127 -5.53 24.63 -2.91
C SER A 127 -6.97 24.54 -2.41
N LEU A 128 -7.16 24.56 -1.09
CA LEU A 128 -8.50 24.50 -0.50
C LEU A 128 -9.32 25.75 -0.84
N ARG A 129 -8.68 26.92 -0.75
CA ARG A 129 -9.37 28.16 -1.06
C ARG A 129 -9.77 28.18 -2.53
N GLN A 130 -8.87 27.76 -3.40
CA GLN A 130 -9.11 27.74 -4.85
C GLN A 130 -10.30 26.85 -5.22
N LEU A 131 -10.41 25.69 -4.59
CA LEU A 131 -11.51 24.78 -4.87
C LEU A 131 -12.84 25.33 -4.37
N ILE A 132 -12.86 25.84 -3.14
CA ILE A 132 -14.09 26.38 -2.59
C ILE A 132 -14.49 27.62 -3.41
N ALA A 133 -13.50 28.34 -3.93
CA ALA A 133 -13.82 29.53 -4.70
C ALA A 133 -14.70 29.22 -5.92
N VAL A 134 -14.53 28.02 -6.49
CA VAL A 134 -15.33 27.63 -7.65
C VAL A 134 -16.50 26.71 -7.33
N ASP A 135 -16.42 25.94 -6.25
CA ASP A 135 -17.51 25.03 -5.92
C ASP A 135 -18.13 25.33 -4.56
N GLU A 136 -18.14 26.61 -4.17
CA GLU A 136 -18.71 27.00 -2.89
C GLU A 136 -20.16 26.55 -2.77
N LYS A 137 -20.87 26.54 -3.88
CA LYS A 137 -22.28 26.14 -3.87
C LYS A 137 -22.49 24.67 -3.53
N TRP A 138 -21.40 23.92 -3.39
CA TRP A 138 -21.48 22.51 -3.04
C TRP A 138 -21.38 22.33 -1.52
N VAL A 139 -21.16 23.43 -0.80
CA VAL A 139 -21.07 23.36 0.65
C VAL A 139 -22.50 23.39 1.17
N PRO A 140 -22.90 22.36 1.95
CA PRO A 140 -24.24 22.28 2.52
C PRO A 140 -24.67 23.52 3.30
N PRO A 141 -25.98 23.70 3.47
CA PRO A 141 -26.51 24.85 4.21
C PRO A 141 -25.99 24.88 5.65
N ALA A 142 -25.91 26.06 6.23
CA ALA A 142 -25.44 26.22 7.61
C ALA A 142 -26.34 25.47 8.57
N GLY A 143 -25.79 25.09 9.72
CA GLY A 143 -26.58 24.38 10.71
C GLY A 143 -27.02 23.02 10.23
N GLY A 144 -26.35 21.99 10.72
CA GLY A 144 -26.68 20.64 10.34
C GLY A 144 -25.49 19.71 10.41
N GLU A 145 -25.73 18.43 10.20
CA GLU A 145 -24.66 17.45 10.26
C GLU A 145 -23.97 17.31 8.90
N GLU A 146 -24.53 17.97 7.88
CA GLU A 146 -23.96 17.91 6.54
C GLU A 146 -22.77 18.82 6.37
N SER A 147 -21.89 18.49 5.44
CA SER A 147 -20.71 19.30 5.21
C SER A 147 -20.08 18.89 3.88
N LEU A 148 -18.94 19.49 3.55
CA LEU A 148 -18.25 19.15 2.31
C LEU A 148 -16.93 18.49 2.67
N TYR A 149 -16.82 17.20 2.39
CA TYR A 149 -15.60 16.47 2.71
C TYR A 149 -14.53 16.80 1.67
N LEU A 150 -13.33 17.18 2.13
CA LEU A 150 -12.22 17.52 1.25
C LEU A 150 -11.20 16.40 1.29
N ARG A 151 -10.81 15.91 0.11
CA ARG A 151 -9.86 14.81 0.01
C ARG A 151 -8.59 15.19 -0.75
N PRO A 152 -7.55 15.67 -0.03
CA PRO A 152 -6.28 16.03 -0.66
C PRO A 152 -5.48 14.72 -0.75
N PHE A 153 -4.76 14.49 -1.85
CA PHE A 153 -3.93 13.29 -1.98
C PHE A 153 -2.84 13.45 -3.04
N VAL A 154 -1.79 12.65 -2.90
CA VAL A 154 -0.65 12.66 -3.83
C VAL A 154 -0.32 11.25 -4.29
N ILE A 155 -0.10 11.10 -5.60
CA ILE A 155 0.22 9.81 -6.18
C ILE A 155 1.52 9.89 -7.01
N ALA A 156 2.27 8.79 -7.03
CA ALA A 156 3.52 8.70 -7.81
C ALA A 156 3.10 8.40 -9.26
N THR A 157 3.49 9.27 -10.19
CA THR A 157 3.08 9.10 -11.58
C THR A 157 4.19 8.76 -12.55
N GLU A 158 5.43 8.73 -12.07
CA GLU A 158 6.55 8.43 -12.94
C GLU A 158 6.52 7.00 -13.43
N PRO A 159 6.72 6.80 -14.74
CA PRO A 159 6.72 5.44 -15.29
C PRO A 159 8.02 4.74 -14.91
N GLY A 160 8.11 3.45 -15.24
CA GLY A 160 9.31 2.68 -14.91
C GLY A 160 8.98 1.65 -13.84
N LEU A 161 9.31 0.39 -14.11
CA LEU A 161 9.02 -0.69 -13.18
C LEU A 161 10.09 -0.88 -12.13
N GLY A 162 11.05 0.02 -12.09
CA GLY A 162 12.09 -0.08 -11.09
C GLY A 162 11.54 0.28 -9.72
N VAL A 163 12.04 -0.38 -8.68
CA VAL A 163 11.59 -0.08 -7.32
C VAL A 163 12.44 1.04 -6.69
N ARG A 164 11.86 2.22 -6.53
CA ARG A 164 12.57 3.34 -5.93
C ARG A 164 11.61 4.51 -5.84
N PRO A 165 11.94 5.53 -5.03
CA PRO A 165 11.06 6.70 -4.91
C PRO A 165 10.82 7.33 -6.28
N SER A 166 9.58 7.70 -6.55
CA SER A 166 9.23 8.33 -7.83
C SER A 166 9.86 9.73 -7.92
N ASN A 167 10.08 10.19 -9.14
CA ASN A 167 10.65 11.52 -9.38
C ASN A 167 9.55 12.48 -9.85
N GLU A 168 8.36 11.91 -10.07
CA GLU A 168 7.21 12.69 -10.53
C GLU A 168 5.98 12.34 -9.68
N TYR A 169 5.24 13.35 -9.28
CA TYR A 169 4.04 13.11 -8.48
C TYR A 169 2.95 14.06 -8.90
N ARG A 170 1.72 13.75 -8.51
CA ARG A 170 0.61 14.62 -8.82
C ARG A 170 -0.24 14.80 -7.58
N TYR A 171 -0.44 16.05 -7.18
CA TYR A 171 -1.28 16.36 -6.03
C TYR A 171 -2.67 16.68 -6.57
N LEU A 172 -3.67 16.01 -6.01
CA LEU A 172 -5.06 16.23 -6.42
C LEU A 172 -5.92 16.60 -5.21
N LEU A 173 -6.93 17.43 -5.45
CA LEU A 173 -7.85 17.85 -4.39
C LEU A 173 -9.25 17.75 -4.94
N ILE A 174 -10.03 16.83 -4.37
CA ILE A 174 -11.42 16.63 -4.75
C ILE A 174 -12.29 16.85 -3.53
N ALA A 175 -13.56 17.17 -3.75
CA ALA A 175 -14.51 17.43 -2.68
C ALA A 175 -15.73 16.55 -2.90
N SER A 176 -16.28 16.05 -1.80
CA SER A 176 -17.45 15.19 -1.84
C SER A 176 -18.46 15.54 -0.73
N PRO A 177 -19.70 15.90 -1.10
CA PRO A 177 -20.73 16.25 -0.11
C PRO A 177 -20.87 15.09 0.88
N ALA A 178 -21.04 15.42 2.16
CA ALA A 178 -21.14 14.41 3.19
C ALA A 178 -22.29 14.66 4.15
N GLY A 179 -23.09 13.62 4.38
CA GLY A 179 -24.22 13.71 5.28
C GLY A 179 -23.89 13.01 6.57
N ALA A 180 -23.43 11.77 6.46
CA ALA A 180 -23.07 10.95 7.60
C ALA A 180 -22.22 9.79 7.09
N TYR A 181 -21.15 9.47 7.82
CA TYR A 181 -20.25 8.38 7.42
C TYR A 181 -20.86 7.02 7.67
N PHE A 182 -21.11 6.70 8.93
CA PHE A 182 -21.70 5.43 9.31
C PHE A 182 -23.20 5.41 9.02
N LYS A 183 -23.74 4.20 8.89
CA LYS A 183 -25.16 3.98 8.61
C LYS A 183 -25.99 3.94 9.88
N GLY A 184 -25.53 4.63 10.92
CA GLY A 184 -26.23 4.67 12.19
C GLY A 184 -26.30 6.06 12.78
N GLY A 185 -25.18 6.78 12.71
CA GLY A 185 -25.11 8.13 13.25
C GLY A 185 -25.28 8.16 14.76
N ILE A 186 -26.50 8.43 15.21
CA ILE A 186 -26.81 8.48 16.63
C ILE A 186 -26.94 7.06 17.19
N LYS A 187 -26.33 6.09 16.50
CA LYS A 187 -26.38 4.71 16.93
C LYS A 187 -25.00 4.15 17.28
N PRO A 188 -24.92 3.41 18.39
CA PRO A 188 -23.64 2.81 18.83
C PRO A 188 -23.27 1.61 17.96
N VAL A 189 -21.99 1.30 17.90
CA VAL A 189 -21.55 0.16 17.10
C VAL A 189 -20.94 -0.93 17.96
N SER A 190 -20.95 -2.16 17.46
CA SER A 190 -20.35 -3.28 18.18
C SER A 190 -18.96 -3.49 17.56
N VAL A 191 -18.00 -3.94 18.35
CA VAL A 191 -16.67 -4.15 17.80
C VAL A 191 -16.11 -5.54 18.06
N TRP A 192 -15.26 -5.99 17.13
CA TRP A 192 -14.58 -7.27 17.24
C TRP A 192 -13.09 -6.93 17.34
N LEU A 193 -12.43 -7.41 18.40
CA LEU A 193 -11.00 -7.16 18.58
C LEU A 193 -10.26 -8.18 17.73
N SER A 194 -9.56 -7.71 16.71
CA SER A 194 -8.86 -8.63 15.80
C SER A 194 -7.78 -9.45 16.49
N HIS A 195 -7.89 -10.76 16.36
CA HIS A 195 -6.93 -11.66 16.98
C HIS A 195 -5.91 -12.10 15.94
N GLU A 196 -6.33 -12.11 14.69
CA GLU A 196 -5.48 -12.56 13.58
C GLU A 196 -4.70 -11.48 12.84
N TYR A 197 -5.22 -10.25 12.84
CA TYR A 197 -4.57 -9.18 12.09
C TYR A 197 -4.12 -7.98 12.92
N VAL A 198 -3.15 -7.26 12.39
CA VAL A 198 -2.65 -6.08 13.06
C VAL A 198 -2.72 -4.91 12.08
N ARG A 199 -2.93 -3.70 12.59
CA ARG A 199 -3.03 -2.53 11.73
C ARG A 199 -1.64 -2.08 11.28
N ALA A 200 -0.66 -2.23 12.15
CA ALA A 200 0.71 -1.85 11.82
C ALA A 200 1.58 -2.31 12.97
N SER A 201 2.90 -2.19 12.78
CA SER A 201 3.87 -2.59 13.80
C SER A 201 5.03 -1.59 13.89
N PRO A 202 5.82 -1.63 14.98
CA PRO A 202 6.95 -0.72 15.13
C PRO A 202 7.84 -0.77 13.88
N GLY A 203 8.22 0.41 13.41
CA GLY A 203 9.05 0.49 12.21
C GLY A 203 8.21 0.29 10.95
N GLY A 204 6.94 0.68 11.02
CA GLY A 204 6.06 0.55 9.88
C GLY A 204 5.50 1.89 9.44
N THR A 205 4.34 1.88 8.82
CA THR A 205 3.71 3.09 8.31
C THR A 205 2.40 3.42 9.03
N GLY A 206 2.27 2.92 10.26
CA GLY A 206 1.06 3.15 11.04
C GLY A 206 0.74 4.61 11.32
N ALA A 207 1.79 5.42 11.49
CA ALA A 207 1.61 6.85 11.79
C ALA A 207 1.39 7.71 10.55
N ALA A 208 1.26 7.09 9.39
CA ALA A 208 1.04 7.85 8.18
C ALA A 208 -0.31 7.51 7.56
N LYS A 209 -0.93 8.51 6.92
CA LYS A 209 -2.20 8.30 6.24
C LYS A 209 -1.78 7.79 4.86
N PHE A 210 -1.49 6.50 4.82
CA PHE A 210 -0.99 5.79 3.66
C PHE A 210 -1.99 4.74 3.14
N GLY A 211 -2.32 4.84 1.87
CA GLY A 211 -3.27 3.92 1.27
C GLY A 211 -3.02 2.46 1.58
N GLY A 212 -1.75 2.06 1.58
CA GLY A 212 -1.43 0.68 1.84
C GLY A 212 -1.95 0.16 3.17
N ASN A 213 -2.05 1.02 4.17
CA ASN A 213 -2.54 0.60 5.48
C ASN A 213 -4.00 0.11 5.38
N TYR A 214 -4.80 0.74 4.54
CA TYR A 214 -6.19 0.35 4.43
C TYR A 214 -6.46 -0.91 3.63
N ALA A 215 -5.76 -1.06 2.51
CA ALA A 215 -5.93 -2.25 1.69
C ALA A 215 -5.63 -3.50 2.51
N ALA A 216 -4.60 -3.43 3.35
CA ALA A 216 -4.22 -4.57 4.18
C ALA A 216 -5.17 -4.88 5.33
N SER A 217 -6.14 -4.00 5.57
CA SER A 217 -7.07 -4.19 6.68
C SER A 217 -8.44 -4.72 6.25
N LEU A 218 -8.65 -4.82 4.94
CA LEU A 218 -9.93 -5.26 4.39
C LEU A 218 -10.36 -6.62 4.93
N LEU A 219 -9.46 -7.59 4.94
CA LEU A 219 -9.82 -8.92 5.46
C LEU A 219 -10.21 -8.88 6.93
N ALA A 220 -9.51 -8.09 7.73
CA ALA A 220 -9.82 -7.99 9.15
C ALA A 220 -11.23 -7.44 9.41
N GLN A 221 -11.64 -6.47 8.59
CA GLN A 221 -12.96 -5.87 8.74
C GLN A 221 -14.03 -6.89 8.36
N ALA A 222 -13.78 -7.64 7.28
CA ALA A 222 -14.74 -8.64 6.84
C ALA A 222 -14.92 -9.68 7.95
N GLN A 223 -13.83 -10.03 8.62
CA GLN A 223 -13.87 -11.00 9.71
C GLN A 223 -14.70 -10.46 10.89
N ALA A 224 -14.51 -9.18 11.23
CA ALA A 224 -15.29 -8.59 12.31
C ALA A 224 -16.80 -8.78 12.04
N ALA A 225 -17.23 -8.48 10.82
CA ALA A 225 -18.63 -8.63 10.42
C ALA A 225 -19.07 -10.11 10.48
N GLU A 226 -18.16 -11.00 10.10
CA GLU A 226 -18.48 -12.42 10.11
C GLU A 226 -18.66 -12.92 11.56
N MET A 227 -18.07 -12.20 12.51
CA MET A 227 -18.23 -12.56 13.91
C MET A 227 -19.45 -11.86 14.49
N GLY A 228 -20.23 -11.21 13.63
CA GLY A 228 -21.43 -10.52 14.11
C GLY A 228 -21.20 -9.13 14.71
N CYS A 229 -20.13 -8.47 14.32
CA CYS A 229 -19.83 -7.13 14.83
C CYS A 229 -19.80 -6.07 13.72
N ASP A 230 -19.98 -4.80 14.09
CA ASP A 230 -19.96 -3.74 13.09
C ASP A 230 -18.56 -3.34 12.62
N GLN A 231 -17.64 -3.15 13.57
CA GLN A 231 -16.31 -2.69 13.23
C GLN A 231 -15.19 -3.49 13.90
N VAL A 232 -14.00 -3.46 13.32
CA VAL A 232 -12.88 -4.17 13.86
C VAL A 232 -12.06 -3.20 14.70
N VAL A 233 -11.43 -3.71 15.76
CA VAL A 233 -10.58 -2.92 16.64
C VAL A 233 -9.22 -3.58 16.65
N TRP A 234 -8.18 -2.77 16.51
CA TRP A 234 -6.80 -3.23 16.46
C TRP A 234 -6.10 -3.24 17.81
N LEU A 235 -5.27 -4.25 18.01
CA LEU A 235 -4.47 -4.40 19.23
C LEU A 235 -3.01 -4.33 18.79
N ASP A 236 -2.12 -3.88 19.68
CA ASP A 236 -0.71 -3.74 19.34
C ASP A 236 -0.16 -5.02 18.72
N ALA A 237 0.74 -4.88 17.76
CA ALA A 237 1.29 -6.03 17.07
C ALA A 237 2.38 -6.77 17.84
N ILE A 238 2.91 -6.13 18.88
CA ILE A 238 3.98 -6.72 19.67
C ILE A 238 3.46 -7.70 20.71
N GLU A 239 2.62 -7.21 21.61
CA GLU A 239 2.06 -8.06 22.66
C GLU A 239 0.64 -8.55 22.38
N ARG A 240 0.02 -8.01 21.33
CA ARG A 240 -1.34 -8.41 20.97
C ARG A 240 -2.26 -8.23 22.18
N ARG A 241 -2.02 -7.17 22.94
CA ARG A 241 -2.79 -6.93 24.16
C ARG A 241 -3.40 -5.54 24.30
N TYR A 242 -2.66 -4.52 23.87
CA TYR A 242 -3.13 -3.15 24.02
C TYR A 242 -4.00 -2.62 22.90
N VAL A 243 -5.14 -2.05 23.29
CA VAL A 243 -6.10 -1.49 22.33
C VAL A 243 -5.53 -0.27 21.63
N GLU A 244 -5.62 -0.26 20.30
CA GLU A 244 -5.11 0.89 19.57
C GLU A 244 -6.20 1.75 18.95
N GLU A 245 -6.87 1.23 17.92
CA GLU A 245 -7.89 2.01 17.23
C GLU A 245 -9.02 1.12 16.72
N MET A 246 -10.09 1.75 16.23
CA MET A 246 -11.23 1.05 15.67
C MET A 246 -11.23 1.44 14.20
N GLY A 247 -10.91 0.49 13.32
CA GLY A 247 -10.85 0.79 11.90
C GLY A 247 -9.92 1.98 11.71
N GLY A 248 -10.40 3.02 11.02
CA GLY A 248 -9.59 4.21 10.82
C GLY A 248 -9.97 5.34 11.76
N MET A 249 -10.25 5.00 13.02
CA MET A 249 -10.65 6.01 14.01
C MET A 249 -9.95 5.76 15.35
N ASN A 250 -9.69 6.82 16.09
CA ASN A 250 -9.06 6.67 17.39
C ASN A 250 -10.12 6.29 18.43
N LEU A 251 -9.68 5.77 19.57
CA LEU A 251 -10.58 5.36 20.64
C LEU A 251 -10.38 6.10 21.96
N PHE A 252 -11.47 6.35 22.67
CA PHE A 252 -11.45 7.02 23.96
C PHE A 252 -12.26 6.19 24.96
N PHE A 253 -11.81 6.16 26.20
CA PHE A 253 -12.47 5.43 27.27
C PHE A 253 -12.85 6.43 28.36
N VAL A 254 -14.11 6.39 28.77
CA VAL A 254 -14.61 7.29 29.81
C VAL A 254 -14.74 6.58 31.14
N PHE A 255 -14.03 7.10 32.14
CA PHE A 255 -14.05 6.55 33.50
C PHE A 255 -14.90 7.48 34.36
N GLY A 256 -15.87 6.93 35.08
CA GLY A 256 -16.72 7.75 35.91
C GLY A 256 -17.74 8.51 35.09
N SER A 257 -18.27 9.60 35.65
CA SER A 257 -19.25 10.42 34.95
C SER A 257 -19.35 11.80 35.60
N GLY A 258 -20.12 12.69 34.98
CA GLY A 258 -20.28 14.04 35.50
C GLY A 258 -19.02 14.85 35.32
N GLY A 259 -18.90 15.96 36.06
CA GLY A 259 -17.71 16.79 35.97
C GLY A 259 -16.44 16.14 36.49
N SER A 260 -16.59 15.07 37.26
CA SER A 260 -15.44 14.37 37.83
C SER A 260 -14.95 13.22 36.94
N ALA A 261 -15.63 12.98 35.83
CA ALA A 261 -15.24 11.91 34.92
C ALA A 261 -13.86 12.16 34.30
N ARG A 262 -13.16 11.09 33.94
CA ARG A 262 -11.84 11.23 33.32
C ARG A 262 -11.76 10.43 32.02
N LEU A 263 -10.99 10.95 31.07
CA LEU A 263 -10.83 10.28 29.78
C LEU A 263 -9.46 9.66 29.61
N VAL A 264 -9.45 8.43 29.10
CA VAL A 264 -8.22 7.69 28.84
C VAL A 264 -8.19 7.30 27.36
N THR A 265 -7.06 7.53 26.72
CA THR A 265 -6.91 7.20 25.30
C THR A 265 -5.49 6.65 25.02
N PRO A 266 -5.39 5.66 24.13
CA PRO A 266 -4.08 5.08 23.80
C PRO A 266 -3.07 6.16 23.43
N GLU A 267 -1.84 6.03 23.94
CA GLU A 267 -0.80 7.02 23.67
C GLU A 267 -0.25 6.86 22.25
N LEU A 268 0.40 7.90 21.75
CA LEU A 268 0.98 7.87 20.41
C LEU A 268 2.28 7.07 20.45
N SER A 269 2.14 5.74 20.38
CA SER A 269 3.28 4.83 20.42
C SER A 269 4.21 4.96 19.23
N GLY A 270 3.79 5.73 18.23
CA GLY A 270 4.62 5.90 17.06
C GLY A 270 4.06 5.14 15.89
N SER A 271 3.25 4.13 16.18
CA SER A 271 2.61 3.32 15.15
C SER A 271 1.14 3.71 15.07
N LEU A 272 0.67 4.47 16.06
CA LEU A 272 -0.71 4.93 16.09
C LEU A 272 -0.83 6.18 15.22
N LEU A 273 -1.96 6.33 14.55
CA LEU A 273 -2.15 7.50 13.69
C LEU A 273 -2.64 8.69 14.52
N PRO A 274 -1.84 9.77 14.61
CA PRO A 274 -2.17 10.98 15.37
C PRO A 274 -3.39 11.69 14.80
N GLY A 275 -4.57 11.27 15.20
CA GLY A 275 -5.78 11.89 14.69
C GLY A 275 -5.97 13.32 15.17
N ILE A 276 -6.47 14.18 14.31
CA ILE A 276 -6.70 15.57 14.66
C ILE A 276 -7.96 15.67 15.56
N THR A 277 -8.95 14.81 15.29
CA THR A 277 -10.17 14.82 16.10
C THR A 277 -9.75 14.41 17.53
N ARG A 278 -8.90 13.40 17.62
CA ARG A 278 -8.38 12.92 18.89
C ARG A 278 -7.68 14.04 19.67
N ASP A 279 -6.77 14.73 18.99
CA ASP A 279 -6.05 15.82 19.61
C ASP A 279 -7.00 16.93 20.09
N SER A 280 -8.01 17.23 19.29
CA SER A 280 -8.99 18.27 19.64
C SER A 280 -9.85 17.89 20.85
N LEU A 281 -10.34 16.65 20.87
CA LEU A 281 -11.17 16.16 21.96
C LEU A 281 -10.44 16.15 23.29
N LEU A 282 -9.13 15.89 23.25
CA LEU A 282 -8.33 15.90 24.48
C LEU A 282 -8.34 17.31 25.09
N GLN A 283 -8.23 18.32 24.22
CA GLN A 283 -8.24 19.74 24.62
C GLN A 283 -9.65 20.16 25.08
N LEU A 284 -10.66 19.67 24.40
CA LEU A 284 -12.03 20.00 24.79
C LEU A 284 -12.35 19.38 26.15
N ALA A 285 -11.88 18.16 26.39
CA ALA A 285 -12.11 17.49 27.68
C ALA A 285 -11.50 18.33 28.80
N THR A 286 -10.28 18.81 28.55
CA THR A 286 -9.59 19.63 29.54
C THR A 286 -10.33 20.93 29.75
N ASP A 287 -10.84 21.53 28.67
CA ASP A 287 -11.60 22.77 28.79
C ASP A 287 -12.84 22.57 29.67
N ALA A 288 -13.46 21.39 29.57
CA ALA A 288 -14.66 21.07 30.35
C ALA A 288 -14.29 20.75 31.78
N GLY A 289 -13.00 20.58 32.04
CA GLY A 289 -12.55 20.28 33.38
C GLY A 289 -12.30 18.82 33.64
N PHE A 290 -12.47 17.98 32.62
CA PHE A 290 -12.22 16.54 32.74
C PHE A 290 -10.73 16.27 32.76
N ALA A 291 -10.29 15.31 33.56
CA ALA A 291 -8.89 14.94 33.60
C ALA A 291 -8.67 14.04 32.38
N VAL A 292 -7.51 14.15 31.74
CA VAL A 292 -7.18 13.35 30.57
C VAL A 292 -5.91 12.56 30.78
N GLU A 293 -5.80 11.42 30.09
CA GLU A 293 -4.61 10.59 30.22
C GLU A 293 -4.34 9.79 28.95
N GLU A 294 -3.12 9.87 28.45
CA GLU A 294 -2.70 9.15 27.26
C GLU A 294 -1.79 8.01 27.70
N ARG A 295 -2.34 6.81 27.76
CA ARG A 295 -1.55 5.64 28.17
C ARG A 295 -1.98 4.37 27.46
N LYS A 296 -1.35 3.26 27.82
CA LYS A 296 -1.68 1.98 27.23
C LYS A 296 -2.83 1.36 28.03
N ILE A 297 -3.74 0.66 27.35
CA ILE A 297 -4.84 0.00 28.02
C ILE A 297 -5.13 -1.31 27.26
N ASP A 298 -5.19 -2.41 27.99
CA ASP A 298 -5.43 -3.71 27.36
C ASP A 298 -6.85 -4.23 27.53
N VAL A 299 -7.17 -5.29 26.79
CA VAL A 299 -8.49 -5.90 26.82
C VAL A 299 -8.90 -6.29 28.22
N ASP A 300 -7.96 -6.88 28.96
CA ASP A 300 -8.22 -7.32 30.33
C ASP A 300 -8.80 -6.21 31.20
N GLU A 301 -8.14 -5.06 31.21
CA GLU A 301 -8.61 -3.92 31.99
C GLU A 301 -9.94 -3.43 31.47
N TRP A 302 -10.05 -3.34 30.14
CA TRP A 302 -11.28 -2.87 29.49
C TRP A 302 -12.50 -3.68 29.94
N GLN A 303 -12.41 -4.99 29.78
CA GLN A 303 -13.52 -5.86 30.16
C GLN A 303 -13.79 -5.85 31.66
N LYS A 304 -12.73 -5.92 32.45
CA LYS A 304 -12.85 -5.90 33.91
C LYS A 304 -13.52 -4.60 34.40
N LYS A 305 -12.93 -3.46 34.08
CA LYS A 305 -13.48 -2.16 34.49
C LYS A 305 -14.85 -1.86 33.87
N ALA A 306 -15.09 -2.33 32.66
CA ALA A 306 -16.40 -2.09 32.05
C ALA A 306 -17.45 -2.88 32.85
N GLY A 307 -17.13 -4.11 33.18
CA GLY A 307 -18.07 -4.92 33.94
C GLY A 307 -18.27 -4.39 35.35
N ALA A 308 -17.21 -3.80 35.91
CA ALA A 308 -17.27 -3.25 37.26
C ALA A 308 -18.08 -1.96 37.26
N GLY A 309 -18.19 -1.32 36.11
CA GLY A 309 -18.94 -0.08 36.01
C GLY A 309 -18.08 1.17 36.09
N GLU A 310 -16.77 0.99 36.20
CA GLU A 310 -15.85 2.12 36.27
C GLU A 310 -15.78 2.79 34.90
N ILE A 311 -15.61 1.98 33.86
CA ILE A 311 -15.59 2.49 32.49
C ILE A 311 -17.05 2.59 32.09
N THR A 312 -17.59 3.80 32.07
CA THR A 312 -18.98 4.04 31.75
C THR A 312 -19.28 4.23 30.27
N GLU A 313 -18.29 4.64 29.48
CA GLU A 313 -18.52 4.87 28.06
C GLU A 313 -17.25 4.64 27.24
N VAL A 314 -17.44 4.37 25.94
CA VAL A 314 -16.33 4.18 25.01
C VAL A 314 -16.81 4.73 23.67
N PHE A 315 -15.95 5.48 22.97
CA PHE A 315 -16.31 6.00 21.65
C PHE A 315 -15.09 6.12 20.74
N ALA A 316 -15.35 6.09 19.44
CA ALA A 316 -14.27 6.25 18.46
C ALA A 316 -14.44 7.66 17.90
N CYS A 317 -13.37 8.20 17.32
CA CYS A 317 -13.41 9.54 16.73
C CYS A 317 -12.58 9.65 15.45
N GLY A 318 -13.05 10.53 14.56
CA GLY A 318 -12.40 10.75 13.29
C GLY A 318 -13.14 11.84 12.55
N THR A 319 -12.53 12.37 11.47
CA THR A 319 -13.15 13.45 10.72
C THR A 319 -14.53 13.13 10.18
N ALA A 320 -14.65 12.02 9.45
CA ALA A 320 -15.91 11.63 8.84
C ALA A 320 -17.11 11.53 9.80
N ALA A 321 -16.97 10.69 10.82
CA ALA A 321 -18.07 10.50 11.77
C ALA A 321 -18.01 11.38 13.01
N VAL A 322 -16.89 12.08 13.19
CA VAL A 322 -16.67 12.94 14.34
C VAL A 322 -16.51 12.04 15.57
N ILE A 323 -17.64 11.58 16.11
CA ILE A 323 -17.65 10.68 17.26
C ILE A 323 -18.68 9.57 17.07
N THR A 324 -18.26 8.34 17.32
CA THR A 324 -19.12 7.17 17.18
C THR A 324 -19.07 6.36 18.48
N PRO A 325 -20.23 6.18 19.12
CA PRO A 325 -20.28 5.41 20.36
C PRO A 325 -20.00 3.92 20.16
N VAL A 326 -19.31 3.31 21.11
CA VAL A 326 -19.03 1.87 21.07
C VAL A 326 -19.81 1.26 22.23
N SER A 327 -20.77 0.38 21.93
CA SER A 327 -21.59 -0.20 22.99
C SER A 327 -21.35 -1.68 23.30
N HIS A 328 -20.81 -2.41 22.33
CA HIS A 328 -20.57 -3.84 22.52
C HIS A 328 -19.18 -4.28 22.09
N VAL A 329 -18.59 -5.19 22.86
CA VAL A 329 -17.25 -5.66 22.58
C VAL A 329 -17.15 -7.17 22.53
N LYS A 330 -16.51 -7.67 21.48
CA LYS A 330 -16.36 -9.10 21.31
C LYS A 330 -14.93 -9.41 20.90
N HIS A 331 -14.35 -10.45 21.51
CA HIS A 331 -12.98 -10.82 21.20
C HIS A 331 -12.76 -12.31 21.37
N HIS A 332 -11.55 -12.75 21.02
CA HIS A 332 -11.18 -14.15 21.09
C HIS A 332 -11.47 -14.82 22.45
N ASP A 333 -11.39 -14.06 23.54
CA ASP A 333 -11.63 -14.66 24.85
C ASP A 333 -12.76 -14.03 25.66
N GLY A 334 -13.74 -13.44 25.00
CA GLY A 334 -14.84 -12.86 25.74
C GLY A 334 -15.79 -11.96 24.99
N GLU A 335 -16.77 -11.46 25.73
CA GLU A 335 -17.74 -10.57 25.15
C GLU A 335 -18.43 -9.81 26.26
N PHE A 336 -18.60 -8.50 26.09
CA PHE A 336 -19.26 -7.70 27.12
C PHE A 336 -19.88 -6.43 26.56
N THR A 337 -20.84 -5.87 27.28
CA THR A 337 -21.51 -4.66 26.85
C THR A 337 -21.01 -3.49 27.67
N ILE A 338 -21.06 -2.29 27.10
CA ILE A 338 -20.61 -1.10 27.81
C ILE A 338 -21.84 -0.38 28.38
N ALA A 339 -21.87 -0.23 29.70
CA ALA A 339 -22.99 0.45 30.36
C ALA A 339 -24.31 -0.19 29.92
N ASP A 340 -25.29 0.64 29.58
CA ASP A 340 -26.59 0.13 29.17
C ASP A 340 -26.66 -0.15 27.66
N GLY A 341 -25.52 -0.06 27.00
CA GLY A 341 -25.48 -0.30 25.57
C GLY A 341 -25.90 0.90 24.75
N GLN A 342 -26.15 2.02 25.39
CA GLN A 342 -26.56 3.22 24.67
C GLN A 342 -25.46 4.29 24.68
N PRO A 343 -25.59 5.31 23.82
CA PRO A 343 -24.59 6.38 23.77
C PRO A 343 -24.44 7.00 25.15
N GLY A 344 -23.19 7.16 25.59
CA GLY A 344 -22.94 7.76 26.89
C GLY A 344 -23.12 9.28 26.94
N GLU A 345 -23.28 9.78 28.16
CA GLU A 345 -23.46 11.21 28.46
C GLU A 345 -22.29 12.05 27.95
N ILE A 346 -21.09 11.66 28.35
CA ILE A 346 -19.87 12.37 27.96
C ILE A 346 -19.67 12.32 26.45
N THR A 347 -19.83 11.12 25.90
CA THR A 347 -19.68 10.93 24.46
C THR A 347 -20.54 11.94 23.70
N MET A 348 -21.84 12.01 24.01
CA MET A 348 -22.71 12.95 23.31
C MET A 348 -22.40 14.40 23.68
N ALA A 349 -21.97 14.63 24.91
CA ALA A 349 -21.61 15.97 25.36
C ALA A 349 -20.44 16.52 24.54
N LEU A 350 -19.36 15.75 24.47
CA LEU A 350 -18.17 16.16 23.70
C LEU A 350 -18.47 16.27 22.20
N ARG A 351 -19.31 15.38 21.69
CA ARG A 351 -19.66 15.44 20.28
C ARG A 351 -20.42 16.74 19.98
N ASP A 352 -21.37 17.10 20.85
CA ASP A 352 -22.13 18.33 20.62
C ASP A 352 -21.22 19.55 20.72
N THR A 353 -20.29 19.54 21.66
CA THR A 353 -19.36 20.66 21.80
C THR A 353 -18.49 20.83 20.54
N LEU A 354 -17.88 19.73 20.09
CA LEU A 354 -17.03 19.78 18.91
C LEU A 354 -17.81 20.21 17.67
N THR A 355 -18.92 19.54 17.40
CA THR A 355 -19.72 19.89 16.24
C THR A 355 -20.23 21.32 16.35
N GLY A 356 -20.57 21.77 17.54
CA GLY A 356 -21.04 23.13 17.71
C GLY A 356 -19.95 24.15 17.33
N ILE A 357 -18.73 23.86 17.71
CA ILE A 357 -17.62 24.74 17.38
C ILE A 357 -17.42 24.75 15.87
N GLN A 358 -17.47 23.57 15.26
CA GLN A 358 -17.27 23.46 13.82
C GLN A 358 -18.34 24.19 13.04
N ARG A 359 -19.55 24.22 13.58
CA ARG A 359 -20.66 24.86 12.91
C ARG A 359 -20.76 26.34 13.25
N GLY A 360 -19.89 26.81 14.13
CA GLY A 360 -19.89 28.20 14.51
C GLY A 360 -20.90 28.54 15.58
N THR A 361 -21.50 27.51 16.18
CA THR A 361 -22.50 27.68 17.23
C THR A 361 -21.87 28.07 18.55
N PHE A 362 -20.76 27.41 18.90
CA PHE A 362 -20.05 27.69 20.14
C PHE A 362 -18.75 28.44 19.85
N ALA A 363 -18.22 29.13 20.86
CA ALA A 363 -16.98 29.89 20.73
C ALA A 363 -15.77 29.02 20.39
N ASP A 364 -14.95 29.48 19.46
CA ASP A 364 -13.75 28.77 19.04
C ASP A 364 -12.54 29.42 19.71
N THR A 365 -12.41 29.17 21.01
CA THR A 365 -11.34 29.76 21.80
C THR A 365 -9.93 29.38 21.35
N HIS A 366 -9.80 28.21 20.76
CA HIS A 366 -8.50 27.77 20.32
C HIS A 366 -8.17 28.23 18.90
N GLY A 367 -9.09 28.96 18.26
CA GLY A 367 -8.84 29.40 16.91
C GLY A 367 -8.66 28.22 15.95
N TRP A 368 -9.49 27.19 16.12
CA TRP A 368 -9.39 26.02 15.24
C TRP A 368 -10.04 26.26 13.89
N MET A 369 -11.06 27.13 13.85
CA MET A 369 -11.75 27.39 12.59
C MET A 369 -11.04 28.40 11.71
N ALA A 370 -10.78 28.03 10.45
CA ALA A 370 -10.09 28.90 9.51
C ALA A 370 -11.01 29.19 8.35
N ARG A 371 -11.04 30.45 7.92
CA ARG A 371 -11.91 30.82 6.82
C ARG A 371 -11.32 30.38 5.49
N LEU A 372 -12.16 29.79 4.65
CA LEU A 372 -11.73 29.37 3.32
C LEU A 372 -12.29 30.30 2.25
N ASN A 373 -13.62 30.44 2.24
CA ASN A 373 -14.29 31.28 1.26
C ASN A 373 -13.87 31.03 -0.20
N LEU B 11 -13.09 -17.10 -21.75
CA LEU B 11 -12.89 -15.67 -22.14
C LEU B 11 -12.24 -15.51 -23.51
N GLU B 12 -12.89 -14.75 -24.37
CA GLU B 12 -12.40 -14.48 -25.71
C GLU B 12 -11.66 -13.15 -25.68
N PHE B 13 -10.50 -13.08 -26.35
CA PHE B 13 -9.72 -11.85 -26.38
C PHE B 13 -9.83 -11.14 -27.74
N THR B 14 -10.31 -9.90 -27.71
CA THR B 14 -10.45 -9.12 -28.93
C THR B 14 -9.16 -8.34 -29.12
N VAL B 15 -8.70 -8.21 -30.36
CA VAL B 15 -7.44 -7.51 -30.60
C VAL B 15 -7.59 -6.18 -31.33
N SER B 16 -6.93 -5.16 -30.80
CA SER B 16 -6.93 -3.84 -31.41
C SER B 16 -5.48 -3.47 -31.67
N ALA B 17 -5.02 -3.71 -32.89
CA ALA B 17 -3.66 -3.43 -33.29
C ALA B 17 -3.21 -1.99 -33.05
N ASN B 18 -1.96 -1.82 -32.68
CA ASN B 18 -1.40 -0.50 -32.45
C ASN B 18 -1.19 0.18 -33.81
N THR B 19 -1.95 1.23 -34.08
CA THR B 19 -1.86 1.94 -35.35
C THR B 19 -0.51 2.65 -35.51
N ASN B 20 0.10 3.02 -34.38
CA ASN B 20 1.40 3.70 -34.42
C ASN B 20 2.47 2.97 -33.62
N PRO B 21 2.81 1.74 -34.04
CA PRO B 21 3.82 0.94 -33.34
C PRO B 21 5.22 1.53 -33.49
N ALA B 22 6.16 1.01 -32.71
CA ALA B 22 7.53 1.48 -32.78
C ALA B 22 8.17 1.07 -34.10
N THR B 23 8.73 2.04 -34.82
CA THR B 23 9.39 1.75 -36.11
C THR B 23 10.51 0.76 -35.89
N ASP B 24 10.88 0.04 -36.94
CA ASP B 24 11.96 -0.94 -36.86
C ASP B 24 13.20 -0.29 -36.26
N ALA B 25 13.48 0.94 -36.71
CA ALA B 25 14.63 1.69 -36.22
C ALA B 25 14.56 1.85 -34.69
N VAL B 26 13.40 2.29 -34.21
CA VAL B 26 13.21 2.50 -32.78
C VAL B 26 13.28 1.19 -31.98
N ARG B 27 12.48 0.21 -32.39
CA ARG B 27 12.46 -1.07 -31.69
C ARG B 27 13.85 -1.70 -31.64
N GLU B 28 14.56 -1.67 -32.75
CA GLU B 28 15.90 -2.25 -32.81
C GLU B 28 16.87 -1.49 -31.88
N SER B 29 16.71 -0.18 -31.82
CA SER B 29 17.56 0.63 -30.95
C SER B 29 17.30 0.26 -29.50
N ILE B 30 16.04 -0.05 -29.18
CA ILE B 30 15.67 -0.41 -27.82
C ILE B 30 16.21 -1.79 -27.45
N LEU B 31 16.05 -2.76 -28.34
CA LEU B 31 16.53 -4.11 -28.08
C LEU B 31 18.06 -4.15 -27.96
N ALA B 32 18.71 -3.21 -28.62
CA ALA B 32 20.17 -3.13 -28.58
C ALA B 32 20.63 -2.62 -27.21
N ASN B 33 19.77 -1.86 -26.54
CA ASN B 33 20.09 -1.33 -25.22
C ASN B 33 18.78 -1.09 -24.47
N PRO B 34 18.11 -2.19 -24.06
CA PRO B 34 16.83 -2.15 -23.35
C PRO B 34 16.89 -1.76 -21.87
N GLY B 35 17.84 -2.34 -21.15
CA GLY B 35 17.96 -2.06 -19.73
C GLY B 35 16.92 -2.89 -18.99
N PHE B 36 16.12 -2.23 -18.16
CA PHE B 36 15.08 -2.93 -17.41
C PHE B 36 13.95 -2.00 -17.00
N GLY B 37 12.72 -2.39 -17.31
CA GLY B 37 11.57 -1.60 -16.95
C GLY B 37 11.60 -0.18 -17.46
N LYS B 38 12.36 0.06 -18.53
CA LYS B 38 12.45 1.40 -19.12
C LYS B 38 11.55 1.53 -20.33
N TYR B 39 11.64 0.55 -21.24
CA TYR B 39 10.82 0.55 -22.44
C TYR B 39 9.74 -0.53 -22.36
N TYR B 40 8.69 -0.34 -23.15
CA TYR B 40 7.58 -1.29 -23.18
C TYR B 40 7.19 -1.63 -24.62
N THR B 41 6.65 -2.83 -24.80
CA THR B 41 6.22 -3.30 -26.11
C THR B 41 5.08 -2.47 -26.66
N ASP B 42 4.66 -2.79 -27.89
CA ASP B 42 3.59 -2.05 -28.56
C ASP B 42 2.19 -2.29 -28.02
N HIS B 43 1.97 -3.44 -27.43
CA HIS B 43 0.63 -3.73 -26.90
C HIS B 43 0.63 -4.12 -25.42
N MET B 44 -0.57 -4.23 -24.87
CA MET B 44 -0.75 -4.64 -23.48
C MET B 44 -2.09 -5.37 -23.44
N VAL B 45 -2.32 -6.14 -22.39
CA VAL B 45 -3.57 -6.87 -22.22
C VAL B 45 -4.39 -6.20 -21.14
N SER B 46 -5.71 -6.19 -21.32
CA SER B 46 -6.62 -5.57 -20.37
C SER B 46 -7.88 -6.40 -20.18
N ILE B 47 -8.25 -6.62 -18.92
CA ILE B 47 -9.45 -7.38 -18.56
C ILE B 47 -10.17 -6.62 -17.45
N ASP B 48 -11.47 -6.39 -17.63
CA ASP B 48 -12.26 -5.66 -16.64
C ASP B 48 -13.07 -6.57 -15.73
N TYR B 49 -13.29 -6.13 -14.50
CA TYR B 49 -14.09 -6.90 -13.58
C TYR B 49 -15.21 -6.08 -12.95
N THR B 50 -16.41 -6.67 -12.92
CA THR B 50 -17.58 -6.07 -12.28
C THR B 50 -18.32 -7.25 -11.64
N VAL B 51 -19.15 -6.96 -10.64
CA VAL B 51 -19.88 -8.02 -9.95
C VAL B 51 -20.87 -8.75 -10.86
N ASP B 52 -21.60 -8.00 -11.67
CA ASP B 52 -22.59 -8.60 -12.58
C ASP B 52 -22.01 -9.37 -13.75
N GLU B 53 -20.82 -9.01 -14.20
CA GLU B 53 -20.22 -9.70 -15.33
C GLU B 53 -18.90 -10.40 -14.99
N GLY B 54 -18.43 -10.25 -13.76
CA GLY B 54 -17.17 -10.87 -13.40
C GLY B 54 -16.09 -10.42 -14.36
N TRP B 55 -15.13 -11.30 -14.66
CA TRP B 55 -14.06 -10.93 -15.58
C TRP B 55 -14.61 -10.92 -17.00
N HIS B 56 -14.46 -9.81 -17.71
CA HIS B 56 -15.00 -9.71 -19.06
C HIS B 56 -14.24 -8.66 -19.86
N ASN B 57 -14.65 -8.50 -21.11
CA ASN B 57 -14.04 -7.54 -22.02
C ASN B 57 -12.53 -7.73 -22.13
N ALA B 58 -12.10 -8.98 -22.20
CA ALA B 58 -10.69 -9.31 -22.34
C ALA B 58 -10.23 -8.82 -23.73
N GLN B 59 -9.18 -8.02 -23.76
CA GLN B 59 -8.70 -7.52 -25.05
C GLN B 59 -7.23 -7.12 -25.09
N VAL B 60 -6.66 -7.19 -26.29
CA VAL B 60 -5.28 -6.82 -26.51
C VAL B 60 -5.35 -5.46 -27.18
N ILE B 61 -4.80 -4.44 -26.55
CA ILE B 61 -4.84 -3.11 -27.12
C ILE B 61 -3.46 -2.46 -27.16
N PRO B 62 -3.34 -1.32 -27.85
CA PRO B 62 -2.06 -0.62 -27.93
C PRO B 62 -1.59 -0.18 -26.55
N TYR B 63 -0.30 -0.28 -26.29
CA TYR B 63 0.22 0.17 -25.00
C TYR B 63 -0.02 1.69 -24.97
N GLY B 64 -0.59 2.18 -23.87
CA GLY B 64 -0.82 3.61 -23.79
C GLY B 64 -1.45 4.03 -22.47
N PRO B 65 -1.64 5.34 -22.25
CA PRO B 65 -2.22 5.87 -21.03
C PRO B 65 -3.60 5.27 -20.72
N ILE B 66 -3.82 4.92 -19.46
CA ILE B 66 -5.12 4.40 -19.06
C ILE B 66 -5.81 5.50 -18.25
N GLN B 67 -7.13 5.44 -18.18
CA GLN B 67 -7.89 6.45 -17.44
C GLN B 67 -8.50 5.89 -16.15
N LEU B 68 -8.53 6.73 -15.12
CA LEU B 68 -9.10 6.36 -13.83
C LEU B 68 -9.83 7.56 -13.23
N ASP B 69 -10.95 7.30 -12.58
CA ASP B 69 -11.69 8.38 -11.93
C ASP B 69 -10.78 8.87 -10.81
N PRO B 70 -10.83 10.16 -10.47
CA PRO B 70 -10.00 10.71 -9.41
C PRO B 70 -10.20 9.97 -8.07
N SER B 71 -11.41 9.49 -7.85
CA SER B 71 -11.73 8.79 -6.60
C SER B 71 -11.53 7.28 -6.67
N ALA B 72 -10.89 6.82 -7.73
CA ALA B 72 -10.61 5.39 -7.89
C ALA B 72 -9.92 4.87 -6.63
N ILE B 73 -10.49 3.83 -6.05
CA ILE B 73 -9.98 3.21 -4.81
C ILE B 73 -8.48 3.00 -4.81
N VAL B 74 -7.92 2.48 -5.90
CA VAL B 74 -6.48 2.24 -5.95
C VAL B 74 -5.69 3.53 -5.65
N LEU B 75 -6.24 4.68 -6.02
CA LEU B 75 -5.51 5.93 -5.80
C LEU B 75 -5.67 6.47 -4.39
N HIS B 76 -6.45 5.79 -3.56
CA HIS B 76 -6.68 6.26 -2.19
C HIS B 76 -6.34 5.23 -1.13
N TYR B 77 -6.85 4.02 -1.32
CA TYR B 77 -6.63 2.97 -0.34
C TYR B 77 -5.78 1.80 -0.81
N GLY B 78 -4.96 2.08 -1.82
CA GLY B 78 -4.00 1.13 -2.36
C GLY B 78 -4.32 -0.32 -2.58
N GLN B 79 -5.54 -0.60 -3.00
CA GLN B 79 -5.92 -1.97 -3.26
C GLN B 79 -5.38 -2.38 -4.64
N GLU B 80 -4.24 -3.07 -4.62
CA GLU B 80 -3.59 -3.49 -5.86
C GLU B 80 -2.60 -4.60 -5.59
N ILE B 81 -2.31 -5.38 -6.63
CA ILE B 81 -1.37 -6.49 -6.52
C ILE B 81 -0.66 -6.65 -7.87
N PHE B 82 0.48 -7.33 -7.87
CA PHE B 82 1.22 -7.56 -9.10
C PHE B 82 2.01 -8.86 -9.11
N GLU B 83 2.56 -9.19 -10.26
CA GLU B 83 3.39 -10.37 -10.42
C GLU B 83 4.59 -10.03 -11.30
N GLY B 84 5.55 -10.96 -11.37
CA GLY B 84 6.75 -10.75 -12.17
C GLY B 84 7.27 -12.09 -12.70
N LEU B 85 7.33 -12.22 -14.03
CA LEU B 85 7.83 -13.43 -14.68
C LEU B 85 8.45 -13.02 -16.00
N LYS B 86 8.96 -13.99 -16.75
CA LYS B 86 9.65 -13.68 -18.00
C LYS B 86 9.28 -14.56 -19.19
N ALA B 87 9.55 -14.05 -20.38
CA ALA B 87 9.34 -14.82 -21.60
C ALA B 87 10.70 -14.88 -22.28
N TYR B 88 11.09 -16.10 -22.69
CA TYR B 88 12.38 -16.33 -23.34
C TYR B 88 12.22 -16.90 -24.75
N ARG B 89 13.15 -16.56 -25.63
CA ARG B 89 13.13 -17.09 -26.99
C ARG B 89 14.17 -18.22 -27.02
N TRP B 90 13.78 -19.38 -27.53
CA TRP B 90 14.69 -20.52 -27.61
C TRP B 90 15.28 -20.74 -29.00
N ALA B 91 16.26 -21.64 -29.08
CA ALA B 91 16.93 -21.94 -30.35
C ALA B 91 15.98 -22.45 -31.41
N ASP B 92 15.00 -23.24 -30.98
CA ASP B 92 14.02 -23.81 -31.91
C ASP B 92 13.05 -22.75 -32.39
N GLY B 93 13.23 -21.52 -31.92
CA GLY B 93 12.35 -20.44 -32.34
C GLY B 93 11.10 -20.23 -31.50
N SER B 94 10.82 -21.14 -30.57
CA SER B 94 9.65 -21.00 -29.72
C SER B 94 9.86 -19.99 -28.59
N ILE B 95 8.76 -19.46 -28.07
CA ILE B 95 8.79 -18.49 -26.97
C ILE B 95 8.26 -19.23 -25.74
N VAL B 96 9.06 -19.29 -24.69
CA VAL B 96 8.67 -19.99 -23.46
C VAL B 96 8.69 -19.09 -22.23
N SER B 97 8.15 -19.60 -21.13
CA SER B 97 8.12 -18.84 -19.88
C SER B 97 8.49 -19.81 -18.77
N PHE B 98 9.07 -19.27 -17.70
CA PHE B 98 9.49 -20.07 -16.54
C PHE B 98 8.37 -20.15 -15.48
N ARG B 99 7.85 -21.35 -15.27
CA ARG B 99 6.80 -21.65 -14.31
C ARG B 99 5.68 -20.59 -14.25
N PRO B 100 5.08 -20.26 -15.40
CA PRO B 100 4.01 -19.26 -15.41
C PRO B 100 2.81 -19.65 -14.53
N GLU B 101 2.51 -20.95 -14.44
CA GLU B 101 1.40 -21.42 -13.61
C GLU B 101 1.63 -21.03 -12.15
N ALA B 102 2.90 -21.04 -11.73
CA ALA B 102 3.24 -20.67 -10.35
C ALA B 102 2.86 -19.22 -10.09
N ASN B 103 3.14 -18.34 -11.04
CA ASN B 103 2.78 -16.93 -10.87
C ASN B 103 1.26 -16.72 -10.86
N ALA B 104 0.56 -17.49 -11.68
CA ALA B 104 -0.88 -17.40 -11.75
C ALA B 104 -1.48 -17.75 -10.40
N ALA B 105 -0.93 -18.78 -9.77
CA ALA B 105 -1.42 -19.21 -8.45
C ALA B 105 -1.06 -18.21 -7.35
N ARG B 106 0.10 -17.58 -7.44
CA ARG B 106 0.51 -16.61 -6.43
C ARG B 106 -0.31 -15.31 -6.54
N LEU B 107 -0.69 -14.95 -7.75
CA LEU B 107 -1.53 -13.76 -7.94
C LEU B 107 -2.87 -14.01 -7.23
N GLN B 108 -3.40 -15.23 -7.33
CA GLN B 108 -4.67 -15.55 -6.67
C GLN B 108 -4.47 -15.48 -5.16
N SER B 109 -3.31 -15.92 -4.68
CA SER B 109 -3.02 -15.85 -3.25
C SER B 109 -2.92 -14.39 -2.80
N SER B 110 -2.20 -13.56 -3.55
CA SER B 110 -2.09 -12.15 -3.24
C SER B 110 -3.48 -11.50 -3.27
N ALA B 111 -4.28 -11.87 -4.27
CA ALA B 111 -5.63 -11.30 -4.39
C ALA B 111 -6.46 -11.58 -3.14
N ARG B 112 -6.44 -12.84 -2.69
CA ARG B 112 -7.20 -13.23 -1.51
C ARG B 112 -6.80 -12.41 -0.28
N ARG B 113 -5.51 -12.16 -0.11
CA ARG B 113 -5.07 -11.39 1.04
C ARG B 113 -5.52 -9.93 0.96
N LEU B 114 -5.61 -9.39 -0.24
CA LEU B 114 -6.03 -8.00 -0.44
C LEU B 114 -7.51 -7.83 -0.81
N ALA B 115 -8.30 -8.87 -0.58
CA ALA B 115 -9.73 -8.85 -0.83
C ALA B 115 -10.04 -8.50 -2.28
N ILE B 116 -9.29 -9.09 -3.19
CA ILE B 116 -9.48 -8.83 -4.63
C ILE B 116 -9.90 -10.14 -5.30
N PRO B 117 -10.86 -10.06 -6.24
CA PRO B 117 -11.35 -11.23 -6.96
C PRO B 117 -10.20 -11.96 -7.65
N GLU B 118 -10.17 -13.28 -7.51
CA GLU B 118 -9.12 -14.08 -8.12
C GLU B 118 -9.33 -14.19 -9.62
N LEU B 119 -8.22 -14.28 -10.35
CA LEU B 119 -8.26 -14.42 -11.81
C LEU B 119 -7.90 -15.87 -12.11
N PRO B 120 -8.80 -16.60 -12.79
CA PRO B 120 -8.56 -18.01 -13.14
C PRO B 120 -7.18 -18.20 -13.78
N GLU B 121 -6.49 -19.26 -13.37
CA GLU B 121 -5.17 -19.57 -13.91
C GLU B 121 -5.21 -19.66 -15.43
N GLU B 122 -6.32 -20.17 -15.96
CA GLU B 122 -6.45 -20.32 -17.41
C GLU B 122 -6.43 -18.96 -18.10
N VAL B 123 -7.10 -17.98 -17.51
CA VAL B 123 -7.17 -16.63 -18.06
C VAL B 123 -5.80 -15.94 -17.98
N PHE B 124 -5.12 -16.16 -16.85
CA PHE B 124 -3.80 -15.59 -16.63
C PHE B 124 -2.84 -16.08 -17.72
N ILE B 125 -2.73 -17.40 -17.88
CA ILE B 125 -1.83 -17.98 -18.88
C ILE B 125 -2.20 -17.50 -20.28
N GLU B 126 -3.49 -17.46 -20.57
CA GLU B 126 -3.95 -17.01 -21.87
C GLU B 126 -3.55 -15.57 -22.15
N SER B 127 -3.63 -14.71 -21.13
CA SER B 127 -3.24 -13.31 -21.35
C SER B 127 -1.77 -13.26 -21.82
N LEU B 128 -0.94 -14.15 -21.26
CA LEU B 128 0.47 -14.18 -21.63
C LEU B 128 0.62 -14.60 -23.10
N ARG B 129 -0.13 -15.61 -23.51
CA ARG B 129 -0.07 -16.10 -24.90
C ARG B 129 -0.56 -15.00 -25.84
N GLN B 130 -1.63 -14.33 -25.46
CA GLN B 130 -2.20 -13.25 -26.29
C GLN B 130 -1.21 -12.11 -26.54
N LEU B 131 -0.49 -11.71 -25.50
CA LEU B 131 0.46 -10.63 -25.66
C LEU B 131 1.66 -11.02 -26.54
N ILE B 132 2.16 -12.23 -26.33
CA ILE B 132 3.29 -12.70 -27.12
C ILE B 132 2.89 -12.83 -28.59
N ALA B 133 1.63 -13.19 -28.82
CA ALA B 133 1.14 -13.37 -30.19
C ALA B 133 1.28 -12.09 -31.03
N VAL B 134 1.22 -10.94 -30.39
CA VAL B 134 1.34 -9.69 -31.12
C VAL B 134 2.66 -8.95 -30.92
N ASP B 135 3.34 -9.22 -29.80
CA ASP B 135 4.62 -8.57 -29.50
C ASP B 135 5.82 -9.53 -29.48
N GLU B 136 5.70 -10.65 -30.18
CA GLU B 136 6.79 -11.62 -30.23
C GLU B 136 8.08 -10.97 -30.72
N LYS B 137 7.96 -10.00 -31.62
CA LYS B 137 9.13 -9.31 -32.17
C LYS B 137 9.93 -8.58 -31.08
N TRP B 138 9.33 -8.41 -29.90
CA TRP B 138 10.00 -7.72 -28.81
C TRP B 138 10.79 -8.64 -27.90
N VAL B 139 10.67 -9.94 -28.10
CA VAL B 139 11.41 -10.91 -27.31
C VAL B 139 12.84 -11.00 -27.83
N PRO B 140 13.85 -10.75 -26.96
CA PRO B 140 15.27 -10.81 -27.35
C PRO B 140 15.68 -12.12 -28.01
N PRO B 141 16.79 -12.12 -28.73
CA PRO B 141 17.30 -13.31 -29.42
C PRO B 141 17.64 -14.42 -28.43
N ALA B 142 17.72 -15.64 -28.94
CA ALA B 142 18.07 -16.79 -28.11
C ALA B 142 19.60 -16.88 -27.99
N GLY B 143 20.08 -17.74 -27.09
CA GLY B 143 21.51 -17.93 -26.91
C GLY B 143 22.16 -16.90 -25.99
N GLY B 144 21.33 -16.02 -25.41
CA GLY B 144 21.84 -15.01 -24.52
C GLY B 144 21.11 -14.99 -23.18
N GLU B 145 21.42 -14.00 -22.35
CA GLU B 145 20.79 -13.90 -21.04
C GLU B 145 19.70 -12.83 -21.03
N GLU B 146 19.34 -12.36 -22.22
CA GLU B 146 18.30 -11.35 -22.34
C GLU B 146 16.91 -11.99 -22.35
N SER B 147 15.89 -11.21 -22.02
CA SER B 147 14.53 -11.74 -22.02
C SER B 147 13.50 -10.62 -22.05
N LEU B 148 12.23 -11.00 -21.97
CA LEU B 148 11.14 -10.03 -21.96
C LEU B 148 10.44 -10.15 -20.60
N TYR B 149 10.53 -9.09 -19.80
CA TYR B 149 9.90 -9.09 -18.46
C TYR B 149 8.39 -8.89 -18.60
N LEU B 150 7.61 -9.76 -17.95
CA LEU B 150 6.16 -9.68 -18.01
C LEU B 150 5.61 -9.20 -16.67
N ARG B 151 4.81 -8.13 -16.70
CA ARG B 151 4.26 -7.57 -15.47
C ARG B 151 2.75 -7.64 -15.39
N PRO B 152 2.23 -8.70 -14.77
CA PRO B 152 0.77 -8.82 -14.64
C PRO B 152 0.41 -8.03 -13.37
N PHE B 153 -0.71 -7.31 -13.38
CA PHE B 153 -1.14 -6.58 -12.17
C PHE B 153 -2.63 -6.24 -12.20
N VAL B 154 -3.23 -6.11 -11.02
CA VAL B 154 -4.64 -5.80 -10.89
C VAL B 154 -4.81 -4.57 -9.99
N ILE B 155 -5.67 -3.66 -10.40
CA ILE B 155 -5.90 -2.45 -9.62
C ILE B 155 -7.41 -2.26 -9.40
N ALA B 156 -7.77 -1.74 -8.22
CA ALA B 156 -9.17 -1.46 -7.86
C ALA B 156 -9.53 -0.13 -8.55
N THR B 157 -10.57 -0.13 -9.40
CA THR B 157 -10.93 1.07 -10.16
C THR B 157 -12.26 1.72 -9.79
N GLU B 158 -13.01 1.07 -8.92
CA GLU B 158 -14.30 1.62 -8.56
C GLU B 158 -14.15 2.95 -7.84
N PRO B 159 -14.97 3.94 -8.22
CA PRO B 159 -14.91 5.25 -7.57
C PRO B 159 -15.63 5.17 -6.21
N GLY B 160 -15.28 6.07 -5.31
CA GLY B 160 -15.91 6.07 -3.99
C GLY B 160 -14.88 6.21 -2.89
N LEU B 161 -15.07 7.18 -2.00
CA LEU B 161 -14.12 7.40 -0.92
C LEU B 161 -14.39 6.57 0.33
N GLY B 162 -15.36 5.65 0.22
CA GLY B 162 -15.67 4.79 1.35
C GLY B 162 -14.62 3.69 1.47
N VAL B 163 -14.27 3.32 2.69
CA VAL B 163 -13.27 2.27 2.88
C VAL B 163 -13.90 0.89 2.87
N ARG B 164 -13.68 0.14 1.79
CA ARG B 164 -14.21 -1.20 1.68
C ARG B 164 -13.67 -1.83 0.40
N PRO B 165 -13.77 -3.16 0.26
CA PRO B 165 -13.27 -3.83 -0.94
C PRO B 165 -13.94 -3.26 -2.18
N SER B 166 -13.15 -2.99 -3.22
CA SER B 166 -13.69 -2.47 -4.46
C SER B 166 -14.59 -3.52 -5.13
N ASN B 167 -15.53 -3.07 -5.95
CA ASN B 167 -16.40 -3.96 -6.70
C ASN B 167 -16.07 -3.91 -8.20
N GLU B 168 -15.05 -3.13 -8.56
CA GLU B 168 -14.64 -3.03 -9.96
C GLU B 168 -13.11 -3.07 -9.99
N TYR B 169 -12.55 -3.86 -10.90
CA TYR B 169 -11.10 -3.95 -11.00
C TYR B 169 -10.70 -4.04 -12.46
N ARG B 170 -9.41 -3.87 -12.69
CA ARG B 170 -8.87 -3.97 -14.02
C ARG B 170 -7.57 -4.76 -13.97
N TYR B 171 -7.49 -5.81 -14.78
CA TYR B 171 -6.28 -6.60 -14.84
C TYR B 171 -5.52 -6.10 -16.06
N LEU B 172 -4.24 -5.80 -15.90
CA LEU B 172 -3.42 -5.31 -17.02
C LEU B 172 -2.16 -6.16 -17.13
N LEU B 173 -1.65 -6.30 -18.35
CA LEU B 173 -0.43 -7.06 -18.59
C LEU B 173 0.45 -6.27 -19.57
N ILE B 174 1.61 -5.84 -19.10
CA ILE B 174 2.55 -5.09 -19.94
C ILE B 174 3.87 -5.86 -19.95
N ALA B 175 4.69 -5.59 -20.95
CA ALA B 175 5.97 -6.29 -21.10
C ALA B 175 7.06 -5.27 -21.34
N SER B 176 8.23 -5.54 -20.77
CA SER B 176 9.39 -4.65 -20.92
C SER B 176 10.64 -5.46 -21.22
N PRO B 177 11.28 -5.21 -22.38
CA PRO B 177 12.49 -5.95 -22.74
C PRO B 177 13.56 -5.79 -21.66
N ALA B 178 14.21 -6.89 -21.32
CA ALA B 178 15.25 -6.88 -20.30
C ALA B 178 16.57 -7.41 -20.85
N GLY B 179 17.59 -6.57 -20.86
CA GLY B 179 18.90 -6.98 -21.33
C GLY B 179 19.62 -7.78 -20.26
N ALA B 180 20.87 -8.16 -20.51
CA ALA B 180 21.67 -8.92 -19.55
C ALA B 180 21.72 -8.13 -18.25
N TYR B 181 21.23 -8.74 -17.16
CA TYR B 181 21.22 -8.10 -15.86
C TYR B 181 22.64 -7.71 -15.44
N PHE B 182 23.59 -8.62 -15.64
CA PHE B 182 24.98 -8.35 -15.28
C PHE B 182 25.83 -8.07 -16.52
N LYS B 183 25.79 -6.83 -16.97
CA LYS B 183 26.55 -6.40 -18.14
C LYS B 183 28.03 -6.70 -18.01
N GLY B 184 28.71 -5.97 -17.12
CA GLY B 184 30.14 -6.17 -16.94
C GLY B 184 30.45 -7.32 -16.00
N GLY B 185 29.88 -8.50 -16.27
CA GLY B 185 30.11 -9.64 -15.41
C GLY B 185 29.35 -9.52 -14.09
N ILE B 186 29.03 -10.67 -13.50
CA ILE B 186 28.29 -10.67 -12.23
C ILE B 186 29.09 -9.93 -11.16
N LYS B 187 28.39 -9.23 -10.26
CA LYS B 187 29.06 -8.49 -9.21
C LYS B 187 28.28 -8.62 -7.89
N PRO B 188 28.98 -8.91 -6.78
CA PRO B 188 28.34 -9.06 -5.48
C PRO B 188 27.87 -7.73 -4.88
N VAL B 189 26.94 -7.79 -3.93
CA VAL B 189 26.45 -6.57 -3.31
C VAL B 189 26.69 -6.57 -1.81
N SER B 190 26.72 -5.39 -1.21
CA SER B 190 26.88 -5.26 0.23
C SER B 190 25.47 -5.01 0.79
N VAL B 191 25.23 -5.48 2.01
CA VAL B 191 23.92 -5.30 2.61
C VAL B 191 23.98 -4.65 3.99
N TRP B 192 22.91 -3.95 4.34
CA TRP B 192 22.76 -3.30 5.64
C TRP B 192 21.50 -3.88 6.28
N LEU B 193 21.66 -4.53 7.44
CA LEU B 193 20.52 -5.10 8.14
C LEU B 193 19.75 -3.96 8.79
N SER B 194 18.50 -3.76 8.37
CA SER B 194 17.69 -2.68 8.91
C SER B 194 17.37 -2.84 10.39
N HIS B 195 17.82 -1.88 11.19
CA HIS B 195 17.61 -1.92 12.62
C HIS B 195 16.37 -1.10 12.96
N GLU B 196 16.05 -0.14 12.12
CA GLU B 196 14.92 0.75 12.35
C GLU B 196 13.61 0.38 11.64
N TYR B 197 13.71 -0.33 10.52
CA TYR B 197 12.50 -0.66 9.78
C TYR B 197 12.25 -2.14 9.58
N VAL B 198 10.98 -2.48 9.36
CA VAL B 198 10.59 -3.86 9.15
C VAL B 198 9.85 -3.96 7.80
N ARG B 199 9.90 -5.12 7.17
CA ARG B 199 9.22 -5.30 5.88
C ARG B 199 7.76 -5.69 6.06
N ALA B 200 7.47 -6.45 7.11
CA ALA B 200 6.11 -6.89 7.42
C ALA B 200 6.03 -7.48 8.81
N SER B 201 4.80 -7.67 9.28
CA SER B 201 4.56 -8.23 10.61
C SER B 201 3.61 -9.44 10.50
N PRO B 202 3.63 -10.32 11.51
CA PRO B 202 2.78 -11.51 11.52
C PRO B 202 1.34 -11.22 11.10
N GLY B 203 0.80 -12.08 10.23
CA GLY B 203 -0.55 -11.91 9.76
C GLY B 203 -0.72 -10.75 8.78
N GLY B 204 0.34 -9.97 8.60
CA GLY B 204 0.31 -8.83 7.70
C GLY B 204 0.22 -9.24 6.24
N THR B 205 0.79 -8.43 5.34
CA THR B 205 0.74 -8.72 3.92
C THR B 205 2.11 -9.06 3.34
N GLY B 206 3.02 -9.52 4.19
CA GLY B 206 4.36 -9.85 3.73
C GLY B 206 4.42 -11.00 2.73
N ALA B 207 3.45 -11.89 2.80
CA ALA B 207 3.43 -13.05 1.90
C ALA B 207 2.68 -12.80 0.59
N ALA B 208 2.35 -11.54 0.33
CA ALA B 208 1.64 -11.19 -0.89
C ALA B 208 2.40 -10.15 -1.70
N LYS B 209 2.35 -10.26 -3.03
CA LYS B 209 3.03 -9.31 -3.91
C LYS B 209 2.08 -8.12 -4.00
N PHE B 210 2.14 -7.29 -2.98
CA PHE B 210 1.29 -6.12 -2.80
C PHE B 210 2.06 -4.81 -2.82
N GLY B 211 1.63 -3.88 -3.67
CA GLY B 211 2.30 -2.60 -3.78
C GLY B 211 2.65 -1.90 -2.47
N GLY B 212 1.72 -1.93 -1.52
CA GLY B 212 1.96 -1.29 -0.24
C GLY B 212 3.26 -1.68 0.43
N ASN B 213 3.64 -2.95 0.33
CA ASN B 213 4.87 -3.44 0.94
C ASN B 213 6.12 -2.69 0.44
N TYR B 214 6.12 -2.31 -0.83
CA TYR B 214 7.27 -1.62 -1.42
C TYR B 214 7.38 -0.14 -1.06
N ALA B 215 6.28 0.60 -1.21
CA ALA B 215 6.28 2.02 -0.86
C ALA B 215 6.73 2.20 0.59
N ALA B 216 6.34 1.27 1.45
CA ALA B 216 6.69 1.36 2.86
C ALA B 216 8.16 1.05 3.16
N SER B 217 8.88 0.48 2.19
CA SER B 217 10.28 0.12 2.41
C SER B 217 11.27 1.11 1.79
N LEU B 218 10.75 2.13 1.11
CA LEU B 218 11.61 3.11 0.44
C LEU B 218 12.62 3.78 1.37
N LEU B 219 12.17 4.23 2.54
CA LEU B 219 13.08 4.85 3.50
C LEU B 219 14.16 3.89 3.99
N ALA B 220 13.82 2.62 4.20
CA ALA B 220 14.79 1.63 4.65
C ALA B 220 15.90 1.41 3.63
N GLN B 221 15.53 1.38 2.36
CA GLN B 221 16.51 1.19 1.31
C GLN B 221 17.41 2.43 1.23
N ALA B 222 16.82 3.61 1.36
CA ALA B 222 17.61 4.84 1.32
C ALA B 222 18.63 4.84 2.47
N GLN B 223 18.21 4.36 3.63
CA GLN B 223 19.07 4.32 4.81
C GLN B 223 20.22 3.34 4.59
N ALA B 224 19.94 2.21 3.95
CA ALA B 224 20.96 1.23 3.66
C ALA B 224 22.05 1.90 2.82
N ALA B 225 21.65 2.66 1.79
CA ALA B 225 22.63 3.34 0.97
C ALA B 225 23.41 4.39 1.76
N GLU B 226 22.72 5.06 2.69
CA GLU B 226 23.32 6.09 3.51
C GLU B 226 24.35 5.51 4.46
N MET B 227 24.20 4.23 4.77
CA MET B 227 25.14 3.53 5.63
C MET B 227 26.31 2.96 4.80
N GLY B 228 26.31 3.25 3.50
CA GLY B 228 27.38 2.75 2.64
C GLY B 228 27.19 1.33 2.11
N CYS B 229 25.94 0.93 1.93
CA CYS B 229 25.63 -0.41 1.45
C CYS B 229 24.74 -0.38 0.23
N ASP B 230 24.77 -1.46 -0.55
CA ASP B 230 23.98 -1.51 -1.77
C ASP B 230 22.50 -1.79 -1.53
N GLN B 231 22.21 -2.80 -0.70
CA GLN B 231 20.84 -3.20 -0.44
C GLN B 231 20.52 -3.36 1.04
N VAL B 232 19.24 -3.23 1.38
CA VAL B 232 18.84 -3.39 2.75
C VAL B 232 18.38 -4.83 2.94
N VAL B 233 18.60 -5.38 4.14
CA VAL B 233 18.20 -6.73 4.51
C VAL B 233 17.22 -6.65 5.68
N TRP B 234 16.13 -7.39 5.57
CA TRP B 234 15.08 -7.38 6.58
C TRP B 234 15.23 -8.43 7.66
N LEU B 235 14.90 -8.05 8.89
CA LEU B 235 14.95 -8.92 10.07
C LEU B 235 13.51 -9.03 10.61
N ASP B 236 13.17 -10.15 11.24
CA ASP B 236 11.81 -10.37 11.75
C ASP B 236 11.33 -9.23 12.64
N ALA B 237 10.06 -8.87 12.51
CA ALA B 237 9.52 -7.78 13.30
C ALA B 237 9.35 -8.10 14.79
N ILE B 238 9.29 -9.39 15.11
CA ILE B 238 9.10 -9.82 16.49
C ILE B 238 10.35 -9.68 17.36
N GLU B 239 11.38 -10.47 17.05
CA GLU B 239 12.62 -10.45 17.81
C GLU B 239 13.69 -9.56 17.21
N ARG B 240 13.46 -9.08 15.99
CA ARG B 240 14.42 -8.21 15.31
C ARG B 240 15.79 -8.89 15.25
N ARG B 241 15.83 -10.19 15.01
CA ARG B 241 17.11 -10.91 14.96
C ARG B 241 17.20 -11.89 13.80
N TYR B 242 16.07 -12.45 13.39
CA TYR B 242 16.07 -13.44 12.32
C TYR B 242 16.06 -12.84 10.91
N VAL B 243 17.04 -13.24 10.11
CA VAL B 243 17.16 -12.74 8.74
C VAL B 243 16.02 -13.23 7.86
N GLU B 244 15.42 -12.32 7.09
CA GLU B 244 14.32 -12.70 6.22
C GLU B 244 14.66 -12.61 4.73
N GLU B 245 14.80 -11.38 4.23
CA GLU B 245 15.08 -11.16 2.83
C GLU B 245 15.96 -9.94 2.56
N MET B 246 16.33 -9.76 1.30
CA MET B 246 17.14 -8.63 0.88
C MET B 246 16.29 -7.88 -0.12
N GLY B 247 15.77 -6.72 0.29
CA GLY B 247 14.92 -5.95 -0.60
C GLY B 247 13.79 -6.85 -1.04
N GLY B 248 13.55 -6.94 -2.33
CA GLY B 248 12.49 -7.81 -2.85
C GLY B 248 13.04 -9.12 -3.36
N MET B 249 13.98 -9.70 -2.63
CA MET B 249 14.58 -10.98 -3.01
C MET B 249 14.78 -11.87 -1.80
N ASN B 250 14.66 -13.18 -2.00
CA ASN B 250 14.87 -14.14 -0.92
C ASN B 250 16.37 -14.34 -0.72
N LEU B 251 16.73 -14.95 0.40
CA LEU B 251 18.14 -15.17 0.75
C LEU B 251 18.48 -16.62 1.03
N PHE B 252 19.69 -17.00 0.66
CA PHE B 252 20.23 -18.34 0.87
C PHE B 252 21.62 -18.26 1.51
N PHE B 253 21.92 -19.25 2.36
CA PHE B 253 23.20 -19.32 3.03
C PHE B 253 23.84 -20.67 2.70
N VAL B 254 25.07 -20.62 2.21
CA VAL B 254 25.78 -21.83 1.84
C VAL B 254 26.82 -22.22 2.90
N PHE B 255 26.66 -23.42 3.44
CA PHE B 255 27.55 -23.97 4.45
C PHE B 255 28.50 -24.97 3.78
N GLY B 256 29.80 -24.74 3.95
CA GLY B 256 30.79 -25.62 3.36
C GLY B 256 30.92 -25.40 1.87
N SER B 257 31.42 -26.41 1.17
CA SER B 257 31.59 -26.32 -0.28
C SER B 257 31.69 -27.69 -0.91
N GLY B 258 31.87 -27.73 -2.22
CA GLY B 258 31.97 -28.99 -2.93
C GLY B 258 30.62 -29.70 -2.98
N GLY B 259 30.66 -31.01 -3.18
CA GLY B 259 29.42 -31.77 -3.25
C GLY B 259 28.77 -32.01 -1.90
N SER B 260 29.49 -31.73 -0.82
CA SER B 260 28.95 -31.91 0.52
C SER B 260 28.40 -30.61 1.09
N ALA B 261 28.41 -29.56 0.28
CA ALA B 261 27.91 -28.26 0.73
C ALA B 261 26.43 -28.34 1.11
N ARG B 262 26.03 -27.52 2.08
CA ARG B 262 24.65 -27.51 2.54
C ARG B 262 24.07 -26.11 2.39
N LEU B 263 22.77 -26.04 2.08
CA LEU B 263 22.07 -24.77 1.93
C LEU B 263 20.99 -24.53 2.98
N VAL B 264 20.99 -23.34 3.55
CA VAL B 264 20.02 -22.95 4.55
C VAL B 264 19.32 -21.68 4.05
N THR B 265 18.00 -21.64 4.20
CA THR B 265 17.20 -20.48 3.78
C THR B 265 16.03 -20.29 4.76
N PRO B 266 15.67 -19.03 5.06
CA PRO B 266 14.57 -18.72 5.98
C PRO B 266 13.30 -19.47 5.58
N GLU B 267 12.64 -20.07 6.57
CA GLU B 267 11.43 -20.82 6.30
C GLU B 267 10.26 -19.88 6.03
N LEU B 268 9.23 -20.39 5.36
CA LEU B 268 8.05 -19.59 5.04
C LEU B 268 7.23 -19.38 6.30
N SER B 269 7.72 -18.50 7.17
CA SER B 269 7.05 -18.20 8.44
C SER B 269 5.61 -17.79 8.26
N GLY B 270 5.35 -17.04 7.21
CA GLY B 270 4.00 -16.57 6.96
C GLY B 270 4.02 -15.13 6.52
N SER B 271 5.06 -14.41 6.91
CA SER B 271 5.22 -13.00 6.53
C SER B 271 6.26 -12.92 5.41
N LEU B 272 6.93 -14.04 5.13
CA LEU B 272 7.95 -14.08 4.08
C LEU B 272 7.24 -14.29 2.74
N LEU B 273 7.78 -13.69 1.68
CA LEU B 273 7.16 -13.85 0.37
C LEU B 273 7.71 -15.11 -0.28
N PRO B 274 6.81 -16.10 -0.60
CA PRO B 274 7.19 -17.36 -1.23
C PRO B 274 7.71 -17.17 -2.64
N GLY B 275 8.99 -16.81 -2.75
CA GLY B 275 9.58 -16.61 -4.06
C GLY B 275 9.57 -17.86 -4.93
N ILE B 276 9.31 -17.70 -6.22
CA ILE B 276 9.32 -18.86 -7.12
C ILE B 276 10.78 -19.27 -7.41
N THR B 277 11.68 -18.28 -7.47
CA THR B 277 13.08 -18.60 -7.72
C THR B 277 13.57 -19.42 -6.54
N ARG B 278 13.19 -18.98 -5.34
CA ARG B 278 13.54 -19.65 -4.09
C ARG B 278 13.09 -21.11 -4.11
N ASP B 279 11.80 -21.31 -4.41
CA ASP B 279 11.25 -22.66 -4.48
C ASP B 279 12.04 -23.51 -5.48
N SER B 280 12.36 -22.92 -6.63
CA SER B 280 13.09 -23.63 -7.67
C SER B 280 14.52 -24.01 -7.26
N LEU B 281 15.20 -23.07 -6.62
CA LEU B 281 16.58 -23.32 -6.19
C LEU B 281 16.69 -24.41 -5.14
N LEU B 282 15.71 -24.51 -4.25
CA LEU B 282 15.75 -25.57 -3.24
C LEU B 282 15.72 -26.94 -3.94
N GLN B 283 14.88 -27.05 -4.96
CA GLN B 283 14.74 -28.29 -5.73
C GLN B 283 16.01 -28.60 -6.52
N LEU B 284 16.59 -27.57 -7.12
CA LEU B 284 17.81 -27.76 -7.90
C LEU B 284 18.99 -28.15 -6.99
N ALA B 285 19.01 -27.61 -5.77
CA ALA B 285 20.07 -27.94 -4.83
C ALA B 285 19.93 -29.43 -4.49
N THR B 286 18.70 -29.88 -4.32
CA THR B 286 18.45 -31.29 -4.00
C THR B 286 18.87 -32.16 -5.18
N ASP B 287 18.62 -31.70 -6.40
CA ASP B 287 18.98 -32.47 -7.59
C ASP B 287 20.50 -32.60 -7.70
N ALA B 288 21.23 -31.57 -7.28
CA ALA B 288 22.69 -31.60 -7.34
C ALA B 288 23.27 -32.40 -6.19
N GLY B 289 22.41 -32.89 -5.30
CA GLY B 289 22.90 -33.67 -4.17
C GLY B 289 23.17 -32.88 -2.91
N PHE B 290 22.94 -31.57 -2.96
CA PHE B 290 23.14 -30.70 -1.80
C PHE B 290 21.99 -30.87 -0.81
N ALA B 291 22.32 -30.87 0.48
CA ALA B 291 21.29 -30.98 1.51
C ALA B 291 20.75 -29.57 1.68
N VAL B 292 19.45 -29.46 1.95
CA VAL B 292 18.80 -28.16 2.13
C VAL B 292 18.08 -28.04 3.47
N GLU B 293 17.93 -26.81 3.94
CA GLU B 293 17.26 -26.53 5.21
C GLU B 293 16.42 -25.27 5.16
N GLU B 294 15.17 -25.37 5.58
CA GLU B 294 14.28 -24.22 5.63
C GLU B 294 14.02 -23.94 7.11
N ARG B 295 14.85 -23.09 7.70
CA ARG B 295 14.72 -22.74 9.11
C ARG B 295 15.04 -21.27 9.40
N LYS B 296 15.05 -20.92 10.66
CA LYS B 296 15.34 -19.56 11.10
C LYS B 296 16.84 -19.39 11.28
N ILE B 297 17.34 -18.20 10.97
CA ILE B 297 18.76 -17.93 11.15
C ILE B 297 18.90 -16.45 11.53
N ASP B 298 19.56 -16.19 12.65
CA ASP B 298 19.76 -14.81 13.13
C ASP B 298 21.13 -14.24 12.80
N VAL B 299 21.28 -12.93 13.03
CA VAL B 299 22.52 -12.23 12.74
C VAL B 299 23.71 -12.82 13.47
N ASP B 300 23.49 -13.21 14.72
CA ASP B 300 24.57 -13.79 15.52
C ASP B 300 25.19 -15.00 14.84
N GLU B 301 24.36 -15.97 14.47
CA GLU B 301 24.86 -17.18 13.81
C GLU B 301 25.54 -16.81 12.48
N TRP B 302 24.91 -15.92 11.73
CA TRP B 302 25.44 -15.46 10.44
C TRP B 302 26.88 -14.94 10.58
N GLN B 303 27.07 -13.94 11.42
CA GLN B 303 28.40 -13.36 11.60
C GLN B 303 29.42 -14.35 12.16
N LYS B 304 29.03 -15.10 13.18
CA LYS B 304 29.93 -16.06 13.80
C LYS B 304 30.40 -17.15 12.82
N LYS B 305 29.45 -17.80 12.17
CA LYS B 305 29.76 -18.87 11.23
C LYS B 305 30.46 -18.36 9.98
N ALA B 306 30.14 -17.15 9.56
CA ALA B 306 30.78 -16.58 8.38
C ALA B 306 32.23 -16.26 8.74
N GLY B 307 32.45 -15.87 10.00
CA GLY B 307 33.80 -15.57 10.43
C GLY B 307 34.62 -16.83 10.63
N ALA B 308 33.96 -17.88 11.13
CA ALA B 308 34.65 -19.15 11.36
C ALA B 308 34.87 -19.89 10.06
N GLY B 309 34.38 -19.33 8.96
CA GLY B 309 34.54 -19.96 7.68
C GLY B 309 33.52 -21.04 7.36
N GLU B 310 32.60 -21.30 8.28
CA GLU B 310 31.58 -22.32 8.05
C GLU B 310 30.64 -21.88 6.93
N ILE B 311 30.12 -20.66 7.04
CA ILE B 311 29.24 -20.13 6.00
C ILE B 311 30.19 -19.60 4.95
N THR B 312 30.27 -20.26 3.81
CA THR B 312 31.18 -19.87 2.75
C THR B 312 30.61 -18.91 1.73
N GLU B 313 29.28 -18.86 1.61
CA GLU B 313 28.64 -18.02 0.62
C GLU B 313 27.24 -17.60 1.03
N VAL B 314 26.79 -16.50 0.46
CA VAL B 314 25.45 -15.98 0.69
C VAL B 314 25.02 -15.34 -0.63
N PHE B 315 23.77 -15.55 -1.02
CA PHE B 315 23.24 -14.94 -2.23
C PHE B 315 21.74 -14.68 -2.13
N ALA B 316 21.24 -13.76 -2.94
CA ALA B 316 19.82 -13.42 -2.97
C ALA B 316 19.25 -13.94 -4.29
N CYS B 317 17.96 -14.20 -4.35
CA CYS B 317 17.35 -14.69 -5.58
C CYS B 317 15.98 -14.07 -5.85
N GLY B 318 15.65 -13.92 -7.13
CA GLY B 318 14.42 -13.31 -7.56
C GLY B 318 14.34 -13.36 -9.07
N THR B 319 13.15 -13.15 -9.62
CA THR B 319 12.95 -13.23 -11.07
C THR B 319 13.87 -12.36 -11.91
N ALA B 320 13.93 -11.07 -11.58
CA ALA B 320 14.76 -10.13 -12.32
C ALA B 320 16.23 -10.51 -12.46
N ALA B 321 16.91 -10.68 -11.32
CA ALA B 321 18.32 -11.00 -11.34
C ALA B 321 18.67 -12.49 -11.24
N VAL B 322 17.66 -13.30 -10.99
CA VAL B 322 17.84 -14.75 -10.81
C VAL B 322 18.60 -14.97 -9.51
N ILE B 323 19.91 -14.72 -9.54
CA ILE B 323 20.75 -14.87 -8.37
C ILE B 323 21.78 -13.75 -8.28
N THR B 324 21.87 -13.12 -7.11
CA THR B 324 22.81 -12.04 -6.83
C THR B 324 23.65 -12.39 -5.60
N PRO B 325 24.98 -12.44 -5.77
CA PRO B 325 25.87 -12.77 -4.64
C PRO B 325 25.89 -11.65 -3.59
N VAL B 326 26.03 -12.03 -2.33
CA VAL B 326 26.12 -11.09 -1.21
C VAL B 326 27.50 -11.32 -0.60
N SER B 327 28.36 -10.31 -0.66
CA SER B 327 29.71 -10.47 -0.17
C SER B 327 30.08 -9.71 1.09
N HIS B 328 29.30 -8.68 1.42
CA HIS B 328 29.59 -7.86 2.60
C HIS B 328 28.34 -7.56 3.44
N VAL B 329 28.49 -7.62 4.75
CA VAL B 329 27.36 -7.40 5.64
C VAL B 329 27.68 -6.38 6.72
N LYS B 330 26.75 -5.45 6.92
CA LYS B 330 26.93 -4.42 7.92
C LYS B 330 25.63 -4.28 8.71
N HIS B 331 25.75 -4.13 10.02
CA HIS B 331 24.56 -3.97 10.86
C HIS B 331 24.81 -3.13 12.11
N HIS B 332 23.76 -2.93 12.88
CA HIS B 332 23.86 -2.12 14.09
C HIS B 332 24.99 -2.52 15.04
N ASP B 333 25.31 -3.82 15.13
CA ASP B 333 26.35 -4.29 16.04
C ASP B 333 27.56 -4.94 15.39
N GLY B 334 27.80 -4.65 14.12
CA GLY B 334 28.96 -5.26 13.47
C GLY B 334 29.06 -5.11 11.97
N GLU B 335 30.14 -5.69 11.44
CA GLU B 335 30.41 -5.68 10.01
C GLU B 335 31.39 -6.79 9.66
N PHE B 336 31.14 -7.49 8.55
CA PHE B 336 32.00 -8.58 8.15
C PHE B 336 31.84 -8.92 6.69
N THR B 337 32.83 -9.62 6.14
CA THR B 337 32.79 -10.00 4.74
C THR B 337 32.57 -11.50 4.62
N ILE B 338 31.95 -11.92 3.53
CA ILE B 338 31.70 -13.34 3.30
C ILE B 338 32.87 -13.91 2.47
N ALA B 339 33.58 -14.87 3.05
CA ALA B 339 34.73 -15.51 2.39
C ALA B 339 35.72 -14.46 1.90
N ASP B 340 36.07 -14.54 0.62
CA ASP B 340 37.02 -13.60 0.02
C ASP B 340 36.33 -12.39 -0.61
N GLY B 341 35.02 -12.28 -0.36
CA GLY B 341 34.26 -11.15 -0.91
C GLY B 341 33.87 -11.34 -2.37
N GLN B 342 34.16 -12.51 -2.93
CA GLN B 342 33.82 -12.76 -4.33
C GLN B 342 32.65 -13.73 -4.44
N PRO B 343 32.04 -13.82 -5.64
CA PRO B 343 30.90 -14.75 -5.80
C PRO B 343 31.36 -16.17 -5.49
N GLY B 344 30.57 -16.90 -4.69
CA GLY B 344 30.92 -18.26 -4.32
C GLY B 344 30.72 -19.27 -5.42
N GLU B 345 31.38 -20.42 -5.26
CA GLU B 345 31.30 -21.53 -6.22
C GLU B 345 29.87 -22.03 -6.40
N ILE B 346 29.22 -22.35 -5.29
CA ILE B 346 27.85 -22.87 -5.29
C ILE B 346 26.88 -21.85 -5.88
N THR B 347 27.07 -20.59 -5.50
CA THR B 347 26.23 -19.51 -5.99
C THR B 347 26.23 -19.48 -7.51
N MET B 348 27.42 -19.49 -8.11
CA MET B 348 27.51 -19.44 -9.57
C MET B 348 27.06 -20.72 -10.23
N ALA B 349 27.31 -21.85 -9.55
CA ALA B 349 26.92 -23.15 -10.07
C ALA B 349 25.41 -23.22 -10.23
N LEU B 350 24.68 -22.88 -9.16
CA LEU B 350 23.22 -22.89 -9.16
C LEU B 350 22.64 -21.88 -10.15
N ARG B 351 23.27 -20.71 -10.25
CA ARG B 351 22.78 -19.70 -11.17
C ARG B 351 22.90 -20.19 -12.61
N ASP B 352 24.05 -20.80 -12.93
CA ASP B 352 24.27 -21.30 -14.28
C ASP B 352 23.26 -22.43 -14.57
N THR B 353 23.00 -23.28 -13.59
CA THR B 353 22.06 -24.36 -13.76
C THR B 353 20.65 -23.84 -14.00
N LEU B 354 20.19 -22.91 -13.17
CA LEU B 354 18.84 -22.38 -13.34
C LEU B 354 18.70 -21.62 -14.64
N THR B 355 19.63 -20.71 -14.93
CA THR B 355 19.56 -19.97 -16.18
C THR B 355 19.67 -20.92 -17.38
N GLY B 356 20.47 -21.98 -17.24
CA GLY B 356 20.58 -22.94 -18.33
C GLY B 356 19.26 -23.61 -18.65
N ILE B 357 18.49 -23.95 -17.63
CA ILE B 357 17.17 -24.56 -17.84
C ILE B 357 16.24 -23.53 -18.50
N GLN B 358 16.23 -22.31 -17.98
CA GLN B 358 15.38 -21.27 -18.53
C GLN B 358 15.73 -20.94 -19.98
N ARG B 359 17.01 -21.10 -20.31
CA ARG B 359 17.47 -20.81 -21.65
C ARG B 359 17.32 -22.02 -22.57
N GLY B 360 16.98 -23.16 -21.98
CA GLY B 360 16.83 -24.38 -22.76
C GLY B 360 18.12 -25.17 -22.98
N THR B 361 19.21 -24.74 -22.37
CA THR B 361 20.49 -25.42 -22.54
C THR B 361 20.53 -26.73 -21.77
N PHE B 362 19.91 -26.74 -20.60
CA PHE B 362 19.85 -27.93 -19.76
C PHE B 362 18.45 -28.56 -19.75
N ALA B 363 18.39 -29.85 -19.43
CA ALA B 363 17.14 -30.57 -19.39
C ALA B 363 16.17 -30.03 -18.34
N ASP B 364 14.91 -29.88 -18.72
CA ASP B 364 13.87 -29.38 -17.82
C ASP B 364 13.12 -30.60 -17.24
N THR B 365 13.78 -31.32 -16.35
CA THR B 365 13.21 -32.53 -15.76
C THR B 365 11.94 -32.31 -14.96
N HIS B 366 11.77 -31.10 -14.44
CA HIS B 366 10.58 -30.80 -13.66
C HIS B 366 9.48 -30.17 -14.51
N GLY B 367 9.72 -30.01 -15.81
CA GLY B 367 8.72 -29.41 -16.66
C GLY B 367 8.35 -27.98 -16.24
N TRP B 368 9.35 -27.18 -15.91
CA TRP B 368 9.11 -25.82 -15.48
C TRP B 368 8.86 -24.88 -16.65
N MET B 369 9.48 -25.18 -17.78
CA MET B 369 9.35 -24.32 -18.95
C MET B 369 8.05 -24.58 -19.70
N ALA B 370 7.29 -23.52 -19.96
CA ALA B 370 6.02 -23.62 -20.66
C ALA B 370 6.06 -22.80 -21.93
N ARG B 371 5.49 -23.35 -23.00
CA ARG B 371 5.45 -22.68 -24.28
C ARG B 371 4.38 -21.59 -24.32
N LEU B 372 4.73 -20.44 -24.88
CA LEU B 372 3.80 -19.33 -25.00
C LEU B 372 3.50 -19.03 -26.45
N ASN B 373 4.56 -18.92 -27.26
CA ASN B 373 4.47 -18.59 -28.68
C ASN B 373 3.63 -17.35 -29.01
N1 PLP C . -6.83 6.61 12.55
C2 PLP C . -6.29 6.24 11.30
C2A PLP C . -5.59 4.93 11.22
C3 PLP C . -6.47 7.13 10.23
O3 PLP C . -5.96 6.83 8.98
C4 PLP C . -7.17 8.42 10.44
C4A PLP C . -7.35 9.35 9.32
C5 PLP C . -7.69 8.71 11.75
C6 PLP C . -7.50 7.80 12.81
C5A PLP C . -8.44 9.96 12.18
O4P PLP C . -7.82 11.16 11.98
P PLP C . -8.70 12.46 11.95
O1P PLP C . -9.33 12.64 13.31
O2P PLP C . -9.58 12.50 10.81
O3P PLP C . -7.58 13.49 11.70
C1 GOL D . -7.51 0.36 8.79
O1 GOL D . -8.62 0.11 9.63
C2 GOL D . -7.01 1.70 9.19
O2 GOL D . -6.62 1.87 10.59
C3 GOL D . -5.84 1.89 8.26
O3 GOL D . -4.71 1.43 9.00
N1 PLP E . 10.55 -11.27 -2.08
C2 PLP E . 9.57 -10.27 -2.20
C2A PLP E . 9.30 -9.45 -0.99
C3 PLP E . 8.91 -10.12 -3.44
O3 PLP E . 7.94 -9.16 -3.61
C4 PLP E . 9.27 -11.02 -4.56
C4A PLP E . 8.58 -10.87 -5.85
C5 PLP E . 10.29 -12.02 -4.36
C6 PLP E . 10.92 -12.13 -3.10
C5A PLP E . 10.80 -13.02 -5.38
O4P PLP E . 9.90 -13.85 -5.99
P PLP E . 10.31 -14.53 -7.37
O1P PLP E . 11.44 -15.46 -7.12
O2P PLP E . 10.45 -13.56 -8.42
O3P PLP E . 8.98 -15.28 -7.60
C1 GOL F . 8.79 -5.08 -0.12
O1 GOL F . 8.06 -5.89 0.78
C2 GOL F . 10.21 -5.23 0.28
O2 GOL F . 10.79 -6.58 0.21
C3 GOL F . 10.89 -4.36 -0.73
O3 GOL F . 12.12 -4.06 -0.06
#